data_4DVW
#
_entry.id   4DVW
#
_cell.length_a   64.591
_cell.length_b   68.533
_cell.length_c   94.155
_cell.angle_alpha   90.00
_cell.angle_beta   91.27
_cell.angle_gamma   90.00
#
_symmetry.space_group_name_H-M   'P 1 21 1'
#
loop_
_entity.id
_entity.type
_entity.pdbx_description
1 polymer 'clade A/E 93TH057 HIV-1 gp120 core'
2 non-polymer 2-acetamido-2-deoxy-beta-D-glucopyranose
3 non-polymer '4-(2-HYDROXYETHYL)-1-PIPERAZINE ETHANESULFONIC ACID'
4 non-polymer "N-(4-chloro-3-fluorophenyl)-N'-[(3aS,6aS)-hexahydrocyclopenta[c]pyrrol-3a(1H)-ylmethyl]ethanediamide"
5 water water
#
_entity_poly.entity_id   1
_entity_poly.type   'polypeptide(L)'
_entity_poly.pdbx_seq_one_letter_code
;VWKDADTTLFCASDAKAHETEVHNVWATHACVPTDPNPQEIHLENVTENFNMWKNNMVEQMQEDVISLWDQSLQPCVKLT
GGSVIKQACPKISFDPIPIHYCTPAGYVILKCNDKNFNGTGPCKNVSSVQCTHGIKPVVSTQLLLNGSLAEEEIIIRSEN
LTNNAKTIIVHLNKSVEINCTRPSNGGSGSGGDIRKAYCEINGTKWNKVLKQVTEKLKEHFNNKTIIFQPPSGGDLEITM
HSFNCRGEFFYCNTTQLFNNTCIGNETMKGCNGTITLPCKIKQIINMWQGTGQAMYAPPIDGKINCVSNITGILLTRDGG
ANNTSNETFRPGGGNIKDNWRSELYKYKVVQIE
;
_entity_poly.pdbx_strand_id   A,B
#
loop_
_chem_comp.id
_chem_comp.type
_chem_comp.name
_chem_comp.formula
0M4 non-polymer N-(4-chloro-3-fluorophenyl)-N'-[(3aS,6aS)-hexahydrocyclopenta[c]pyrrol-3a(1H)-ylmethyl]ethanediamide 'C16 H19 Cl F N3 O2'
EPE non-polymer '4-(2-HYDROXYETHYL)-1-PIPERAZINE ETHANESULFONIC ACID' 'C8 H18 N2 O4 S'
NAG D-saccharide, beta linking 2-acetamido-2-deoxy-beta-D-glucopyranose 'C8 H15 N O6'
#
# COMPACT_ATOMS: atom_id res chain seq x y z
N VAL A 1 17.59 34.55 -7.10
CA VAL A 1 16.98 33.46 -7.86
C VAL A 1 17.94 32.31 -8.03
N TRP A 2 17.43 31.15 -8.43
CA TRP A 2 18.25 29.96 -8.60
C TRP A 2 17.64 28.99 -9.59
N LYS A 3 18.41 27.96 -9.94
CA LYS A 3 17.94 26.93 -10.88
C LYS A 3 18.63 25.61 -10.58
N ASP A 4 17.97 24.51 -10.93
CA ASP A 4 18.58 23.19 -10.81
C ASP A 4 19.92 23.18 -11.53
N ALA A 5 20.92 22.56 -10.92
CA ALA A 5 22.25 22.52 -11.51
C ALA A 5 23.14 21.47 -10.85
N ASP A 6 24.11 20.97 -11.60
CA ASP A 6 25.09 20.02 -11.09
C ASP A 6 26.45 20.68 -11.00
N THR A 7 27.13 20.49 -9.86
CA THR A 7 28.49 20.98 -9.70
C THR A 7 29.32 20.00 -8.88
N THR A 8 30.64 20.19 -8.90
CA THR A 8 31.53 19.35 -8.11
C THR A 8 31.46 19.74 -6.64
N LEU A 9 30.97 18.84 -5.81
CA LEU A 9 30.84 19.09 -4.38
C LEU A 9 32.16 18.79 -3.67
N PHE A 10 32.27 19.26 -2.42
CA PHE A 10 33.37 18.85 -1.55
C PHE A 10 32.80 18.28 -0.26
N CYS A 11 33.64 17.64 0.54
CA CYS A 11 33.17 17.00 1.76
C CYS A 11 33.80 17.57 3.01
N ALA A 12 33.08 17.43 4.13
CA ALA A 12 33.57 17.85 5.43
C ALA A 12 33.30 16.74 6.44
N SER A 13 34.15 16.65 7.46
CA SER A 13 33.98 15.63 8.48
C SER A 13 34.78 15.96 9.74
N ASP A 14 34.63 15.11 10.75
CA ASP A 14 35.35 15.29 12.01
C ASP A 14 36.43 14.22 12.18
N ALA A 15 36.95 13.73 11.06
CA ALA A 15 37.99 12.70 11.07
C ALA A 15 39.16 13.11 11.96
N LYS A 16 39.85 12.12 12.50
CA LYS A 16 41.02 12.37 13.34
C LYS A 16 42.30 12.02 12.59
N ALA A 17 43.24 12.95 12.58
CA ALA A 17 44.48 12.79 11.82
C ALA A 17 45.37 11.67 12.37
N HIS A 18 45.23 11.38 13.65
CA HIS A 18 46.08 10.39 14.30
C HIS A 18 45.49 8.99 14.25
N GLU A 19 44.25 8.89 13.80
CA GLU A 19 43.56 7.61 13.71
C GLU A 19 44.03 6.81 12.50
N THR A 20 44.15 5.50 12.67
CA THR A 20 44.57 4.61 11.58
C THR A 20 43.36 4.01 10.87
N GLU A 21 42.17 4.21 11.43
CA GLU A 21 40.93 3.75 10.80
C GLU A 21 40.80 4.35 9.41
N VAL A 22 40.51 3.50 8.43
CA VAL A 22 40.61 3.88 7.01
C VAL A 22 39.70 5.04 6.59
N HIS A 23 38.50 5.12 7.17
CA HIS A 23 37.60 6.22 6.86
C HIS A 23 38.20 7.54 7.35
N ASN A 24 38.70 7.54 8.58
CA ASN A 24 39.38 8.70 9.13
C ASN A 24 40.55 9.14 8.27
N VAL A 25 41.35 8.16 7.83
CA VAL A 25 42.49 8.44 6.97
C VAL A 25 42.05 9.10 5.66
N TRP A 26 41.06 8.50 5.01
CA TRP A 26 40.57 9.03 3.74
C TRP A 26 40.03 10.45 3.91
N ALA A 27 39.18 10.66 4.91
CA ALA A 27 38.56 11.96 5.14
C ALA A 27 39.57 13.02 5.52
N THR A 28 40.64 12.60 6.20
CA THR A 28 41.71 13.52 6.59
C THR A 28 42.41 14.10 5.37
N HIS A 29 42.50 13.29 4.31
CA HIS A 29 43.17 13.71 3.08
C HIS A 29 42.20 14.25 2.03
N ALA A 30 40.93 13.90 2.15
CA ALA A 30 39.97 14.23 1.09
C ALA A 30 38.89 15.24 1.50
N CYS A 31 38.80 15.54 2.79
CA CYS A 31 37.75 16.43 3.29
C CYS A 31 38.31 17.59 4.10
N VAL A 32 37.44 18.51 4.47
CA VAL A 32 37.80 19.61 5.36
C VAL A 32 36.99 19.53 6.65
N PRO A 33 37.38 20.31 7.66
CA PRO A 33 36.67 20.35 8.94
C PRO A 33 35.23 20.79 8.78
N THR A 34 34.34 20.25 9.61
CA THR A 34 32.94 20.65 9.59
C THR A 34 32.76 22.05 10.18
N ASP A 35 31.64 22.68 9.86
CA ASP A 35 31.31 23.99 10.42
C ASP A 35 30.53 23.82 11.71
N PRO A 36 31.07 24.30 12.83
CA PRO A 36 30.43 24.19 14.14
C PRO A 36 29.15 25.01 14.24
N ASN A 37 29.04 26.04 13.40
CA ASN A 37 27.85 26.89 13.38
C ASN A 37 27.28 27.08 11.98
N PRO A 38 26.76 25.99 11.39
CA PRO A 38 26.22 26.03 10.03
C PRO A 38 24.95 26.86 9.94
N GLN A 39 24.80 27.62 8.86
CA GLN A 39 23.62 28.44 8.65
C GLN A 39 22.57 27.70 7.84
N GLU A 40 21.30 27.90 8.21
CA GLU A 40 20.19 27.31 7.49
C GLU A 40 19.07 28.33 7.31
N ILE A 41 18.78 28.69 6.07
CA ILE A 41 17.74 29.67 5.78
C ILE A 41 16.47 28.98 5.31
N HIS A 42 15.40 29.13 6.08
CA HIS A 42 14.11 28.54 5.72
C HIS A 42 13.35 29.43 4.74
N LEU A 43 13.08 28.89 3.55
CA LEU A 43 12.40 29.65 2.51
C LEU A 43 10.90 29.68 2.73
N GLU A 44 10.32 30.87 2.69
CA GLU A 44 8.89 31.04 2.90
C GLU A 44 8.12 31.08 1.59
N ASN A 45 7.00 30.37 1.55
CA ASN A 45 6.16 30.29 0.35
C ASN A 45 6.94 29.94 -0.92
N VAL A 46 7.91 29.04 -0.78
CA VAL A 46 8.70 28.59 -1.91
C VAL A 46 8.50 27.10 -2.17
N THR A 47 7.91 26.78 -3.33
CA THR A 47 7.70 25.39 -3.70
C THR A 47 8.80 24.91 -4.66
N GLU A 48 9.49 23.84 -4.26
CA GLU A 48 10.54 23.26 -5.08
C GLU A 48 10.25 21.80 -5.40
N ASN A 49 10.57 21.38 -6.61
CA ASN A 49 10.43 19.99 -7.00
C ASN A 49 11.73 19.21 -6.79
N PHE A 50 11.60 17.97 -6.34
CA PHE A 50 12.75 17.12 -6.09
C PHE A 50 12.61 15.80 -6.84
N ASN A 51 13.74 15.18 -7.15
CA ASN A 51 13.75 13.84 -7.72
C ASN A 51 14.94 13.04 -7.19
N MET A 52 14.73 12.33 -6.09
CA MET A 52 15.79 11.56 -5.45
C MET A 52 16.40 10.53 -6.39
N TRP A 53 15.64 10.14 -7.42
CA TRP A 53 16.08 9.07 -8.32
C TRP A 53 16.94 9.62 -9.47
N LYS A 54 16.93 10.93 -9.63
CA LYS A 54 17.80 11.60 -10.59
C LYS A 54 18.54 12.73 -9.88
N ASN A 55 19.52 12.36 -9.06
CA ASN A 55 20.24 13.33 -8.25
C ASN A 55 21.75 13.10 -8.32
N ASN A 56 22.46 14.05 -8.93
CA ASN A 56 23.89 13.90 -9.15
C ASN A 56 24.71 13.80 -7.85
N MET A 57 24.12 14.21 -6.74
CA MET A 57 24.77 14.07 -5.45
C MET A 57 25.03 12.60 -5.16
N VAL A 58 24.11 11.75 -5.61
CA VAL A 58 24.23 10.31 -5.42
C VAL A 58 25.44 9.73 -6.16
N GLU A 59 25.61 10.13 -7.42
CA GLU A 59 26.74 9.68 -8.21
C GLU A 59 28.07 10.11 -7.60
N GLN A 60 28.08 11.31 -7.03
CA GLN A 60 29.32 11.84 -6.46
C GLN A 60 29.72 11.13 -5.16
N MET A 61 28.74 10.85 -4.31
CA MET A 61 29.01 10.09 -3.09
C MET A 61 29.50 8.69 -3.45
N GLN A 62 28.85 8.09 -4.43
CA GLN A 62 29.25 6.77 -4.93
C GLN A 62 30.72 6.80 -5.33
N GLU A 63 31.12 7.86 -6.00
CA GLU A 63 32.49 8.02 -6.47
C GLU A 63 33.48 8.14 -5.31
N ASP A 64 33.11 8.88 -4.28
CA ASP A 64 33.93 8.98 -3.08
C ASP A 64 34.11 7.61 -2.42
N VAL A 65 33.01 6.93 -2.16
CA VAL A 65 33.05 5.65 -1.45
C VAL A 65 33.85 4.61 -2.22
N ILE A 66 33.76 4.65 -3.55
CA ILE A 66 34.55 3.78 -4.39
C ILE A 66 36.03 4.10 -4.23
N SER A 67 36.34 5.40 -4.20
CA SER A 67 37.72 5.84 -4.04
C SER A 67 38.26 5.41 -2.68
N LEU A 68 37.43 5.52 -1.65
CA LEU A 68 37.82 5.16 -0.30
C LEU A 68 38.11 3.66 -0.19
N TRP A 69 37.24 2.85 -0.77
CA TRP A 69 37.42 1.40 -0.74
C TRP A 69 38.62 0.97 -1.59
N ASP A 70 38.81 1.61 -2.73
CA ASP A 70 39.92 1.28 -3.62
C ASP A 70 41.27 1.58 -2.98
N GLN A 71 41.29 2.51 -2.03
CA GLN A 71 42.53 2.95 -1.42
C GLN A 71 42.82 2.28 -0.08
N SER A 72 41.78 1.72 0.54
CA SER A 72 41.92 1.18 1.89
C SER A 72 41.46 -0.26 2.05
N LEU A 73 40.78 -0.80 1.05
CA LEU A 73 40.33 -2.19 1.11
C LEU A 73 40.73 -2.99 -0.13
N GLN A 74 42.03 -3.05 -0.40
CA GLN A 74 42.55 -3.83 -1.51
C GLN A 74 42.59 -5.31 -1.15
N PRO A 75 42.01 -6.17 -2.01
CA PRO A 75 42.01 -7.62 -1.81
C PRO A 75 43.35 -8.24 -2.19
N CYS A 76 43.52 -9.52 -1.88
CA CYS A 76 44.73 -10.25 -2.23
C CYS A 76 44.80 -10.45 -3.73
N VAL A 77 43.66 -10.79 -4.33
CA VAL A 77 43.56 -11.01 -5.76
C VAL A 77 42.29 -10.39 -6.32
N LYS A 78 42.43 -9.63 -7.39
CA LYS A 78 41.28 -8.99 -8.02
C LYS A 78 41.03 -9.60 -9.40
N LEU A 79 39.78 -9.97 -9.66
CA LEU A 79 39.40 -10.59 -10.92
C LEU A 79 38.48 -9.67 -11.71
N THR A 80 39.07 -8.73 -12.44
CA THR A 80 38.28 -7.76 -13.19
C THR A 80 38.81 -7.57 -14.61
N GLY A 81 37.90 -7.50 -15.57
CA GLY A 81 38.27 -7.30 -16.96
C GLY A 81 39.02 -8.48 -17.55
N GLY A 82 38.86 -9.65 -16.93
CA GLY A 82 39.53 -10.85 -17.40
C GLY A 82 40.96 -10.94 -16.91
N SER A 83 41.47 -9.83 -16.36
CA SER A 83 42.83 -9.78 -15.85
C SER A 83 42.89 -10.17 -14.38
N VAL A 84 44.08 -10.55 -13.91
CA VAL A 84 44.26 -10.95 -12.53
C VAL A 84 45.25 -10.02 -11.82
N ILE A 85 44.82 -9.44 -10.71
CA ILE A 85 45.66 -8.51 -9.96
C ILE A 85 45.96 -9.06 -8.56
N LYS A 86 47.23 -9.36 -8.31
CA LYS A 86 47.66 -9.86 -7.01
C LYS A 86 48.36 -8.78 -6.20
N GLN A 87 47.79 -8.45 -5.04
CA GLN A 87 48.35 -7.42 -4.17
C GLN A 87 48.44 -7.90 -2.73
N ALA A 88 49.03 -7.06 -1.88
CA ALA A 88 49.08 -7.35 -0.45
C ALA A 88 47.75 -6.96 0.20
N CYS A 89 47.25 -7.83 1.07
CA CYS A 89 45.92 -7.63 1.66
C CYS A 89 45.96 -7.67 3.18
N PRO A 90 46.63 -6.69 3.78
CA PRO A 90 46.77 -6.63 5.25
C PRO A 90 45.45 -6.31 5.92
N LYS A 91 45.29 -6.73 7.18
CA LYS A 91 44.12 -6.39 7.96
C LYS A 91 44.13 -4.90 8.31
N ILE A 92 42.96 -4.29 8.32
CA ILE A 92 42.85 -2.85 8.57
C ILE A 92 41.86 -2.54 9.68
N SER A 93 41.87 -1.29 10.14
CA SER A 93 40.87 -0.80 11.07
C SER A 93 39.75 -0.16 10.28
N PHE A 94 38.52 -0.61 10.52
CA PHE A 94 37.40 -0.27 9.66
C PHE A 94 36.14 0.07 10.46
N ASP A 95 35.64 1.29 10.30
CA ASP A 95 34.43 1.75 10.98
C ASP A 95 33.98 3.09 10.42
N PRO A 96 32.91 3.08 9.60
CA PRO A 96 32.45 4.26 8.88
C PRO A 96 32.19 5.47 9.78
N ILE A 97 32.58 6.64 9.31
CA ILE A 97 32.27 7.88 10.01
C ILE A 97 31.38 8.76 9.13
N PRO A 98 30.66 9.71 9.75
CA PRO A 98 29.75 10.61 9.04
C PRO A 98 30.49 11.52 8.06
N ILE A 99 30.02 11.56 6.82
CA ILE A 99 30.61 12.44 5.80
C ILE A 99 29.58 13.46 5.33
N HIS A 100 29.97 14.73 5.34
CA HIS A 100 29.10 15.81 4.90
C HIS A 100 29.41 16.23 3.47
N TYR A 101 28.37 16.47 2.67
CA TYR A 101 28.55 16.94 1.31
C TYR A 101 28.13 18.39 1.16
N CYS A 102 29.00 19.20 0.56
CA CYS A 102 28.82 20.64 0.56
C CYS A 102 29.00 21.26 -0.82
N THR A 103 28.30 22.36 -1.06
CA THR A 103 28.40 23.09 -2.32
C THR A 103 29.41 24.23 -2.22
N PRO A 104 30.10 24.52 -3.33
CA PRO A 104 31.05 25.63 -3.40
C PRO A 104 30.33 26.96 -3.57
N ALA A 105 31.08 28.05 -3.70
CA ALA A 105 30.49 29.37 -3.88
C ALA A 105 29.69 29.42 -5.16
N GLY A 106 28.59 30.18 -5.13
CA GLY A 106 27.72 30.31 -6.29
C GLY A 106 26.64 29.25 -6.31
N TYR A 107 26.76 28.27 -5.43
CA TYR A 107 25.78 27.19 -5.34
C TYR A 107 25.28 27.02 -3.91
N VAL A 108 24.13 26.37 -3.76
CA VAL A 108 23.57 26.07 -2.46
C VAL A 108 22.80 24.76 -2.51
N ILE A 109 22.64 24.12 -1.36
CA ILE A 109 21.86 22.90 -1.27
C ILE A 109 20.46 23.19 -0.73
N LEU A 110 19.44 22.79 -1.48
CA LEU A 110 18.07 22.93 -1.01
C LEU A 110 17.65 21.65 -0.28
N LYS A 111 17.01 21.82 0.86
CA LYS A 111 16.65 20.70 1.72
C LYS A 111 15.14 20.66 1.95
N CYS A 112 14.51 19.55 1.59
CA CYS A 112 13.09 19.38 1.80
C CYS A 112 12.82 18.96 3.26
N ASN A 113 11.93 19.70 3.91
CA ASN A 113 11.63 19.43 5.32
C ASN A 113 10.21 18.91 5.56
N ASP A 114 9.50 18.57 4.48
CA ASP A 114 8.17 17.99 4.63
C ASP A 114 8.30 16.67 5.38
N LYS A 115 7.53 16.53 6.47
CA LYS A 115 7.66 15.40 7.38
C LYS A 115 7.56 14.03 6.71
N ASN A 116 6.68 13.92 5.72
CA ASN A 116 6.47 12.63 5.06
C ASN A 116 6.88 12.63 3.59
N PHE A 117 7.84 13.48 3.25
CA PHE A 117 8.33 13.59 1.88
C PHE A 117 8.81 12.24 1.36
N ASN A 118 8.30 11.83 0.19
CA ASN A 118 8.63 10.52 -0.36
C ASN A 118 9.83 10.52 -1.31
N GLY A 119 10.38 11.70 -1.59
CA GLY A 119 11.58 11.81 -2.39
C GLY A 119 11.39 12.40 -3.77
N THR A 120 10.15 12.41 -4.25
CA THR A 120 9.85 12.98 -5.56
C THR A 120 8.64 13.91 -5.47
N GLY A 121 8.62 14.92 -6.34
CA GLY A 121 7.50 15.85 -6.38
C GLY A 121 7.81 17.16 -5.69
N PRO A 122 6.78 18.00 -5.51
CA PRO A 122 6.93 19.31 -4.87
C PRO A 122 7.13 19.21 -3.37
N CYS A 123 7.85 20.18 -2.81
CA CYS A 123 8.09 20.24 -1.37
C CYS A 123 7.67 21.60 -0.84
N LYS A 124 6.89 21.62 0.22
CA LYS A 124 6.37 22.86 0.79
C LYS A 124 7.39 23.55 1.68
N ASN A 125 7.97 22.79 2.60
CA ASN A 125 8.91 23.35 3.57
C ASN A 125 10.35 23.16 3.13
N VAL A 126 10.90 24.17 2.46
CA VAL A 126 12.24 24.08 1.91
C VAL A 126 13.20 25.05 2.61
N SER A 127 14.42 24.58 2.86
CA SER A 127 15.46 25.43 3.43
C SER A 127 16.73 25.31 2.61
N SER A 128 17.62 26.29 2.75
CA SER A 128 18.90 26.25 2.05
C SER A 128 20.03 26.01 3.04
N VAL A 129 21.01 25.21 2.62
CA VAL A 129 22.16 24.91 3.47
C VAL A 129 23.39 24.71 2.59
N GLN A 130 24.56 24.87 3.19
CA GLN A 130 25.81 24.66 2.47
C GLN A 130 26.21 23.18 2.48
N CYS A 131 25.77 22.46 3.51
CA CYS A 131 26.17 21.06 3.68
C CYS A 131 25.02 20.17 4.11
N THR A 132 25.05 18.92 3.67
CA THR A 132 24.10 17.92 4.15
C THR A 132 24.46 17.54 5.58
N HIS A 133 23.65 16.70 6.19
CA HIS A 133 23.99 16.13 7.49
C HIS A 133 25.10 15.11 7.29
N GLY A 134 25.69 14.66 8.39
CA GLY A 134 26.74 13.66 8.33
C GLY A 134 26.20 12.31 7.91
N ILE A 135 26.68 11.81 6.78
CA ILE A 135 26.22 10.54 6.25
C ILE A 135 27.32 9.49 6.28
N LYS A 136 27.07 8.39 6.98
CA LYS A 136 28.01 7.27 7.01
C LYS A 136 27.85 6.43 5.75
N PRO A 137 28.96 6.21 5.02
CA PRO A 137 28.96 5.41 3.79
C PRO A 137 28.85 3.92 4.08
N VAL A 138 27.75 3.50 4.70
CA VAL A 138 27.58 2.10 5.07
C VAL A 138 27.11 1.24 3.88
N VAL A 139 27.95 0.28 3.51
CA VAL A 139 27.64 -0.59 2.38
C VAL A 139 26.98 -1.88 2.84
N SER A 140 25.80 -2.16 2.30
CA SER A 140 25.07 -3.37 2.64
C SER A 140 23.98 -3.68 1.63
N THR A 141 23.42 -4.88 1.73
CA THR A 141 22.27 -5.27 0.92
C THR A 141 21.12 -5.65 1.83
N GLN A 142 19.91 -5.66 1.26
CA GLN A 142 18.70 -6.05 1.98
C GLN A 142 18.31 -5.06 3.08
N LEU A 143 19.15 -4.92 4.10
CA LEU A 143 18.86 -4.03 5.22
C LEU A 143 19.77 -2.81 5.21
N LEU A 144 19.19 -1.65 5.47
CA LEU A 144 19.98 -0.42 5.59
C LEU A 144 20.37 -0.22 7.05
N LEU A 145 21.65 0.02 7.29
CA LEU A 145 22.18 0.06 8.66
C LEU A 145 22.71 1.44 9.06
N ASN A 146 22.53 1.78 10.33
CA ASN A 146 23.06 3.02 10.90
C ASN A 146 22.70 4.26 10.09
N GLY A 147 21.54 4.25 9.45
CA GLY A 147 21.08 5.39 8.68
C GLY A 147 20.19 6.31 9.50
N SER A 148 19.64 7.33 8.85
CA SER A 148 18.72 8.23 9.51
C SER A 148 17.32 7.63 9.51
N LEU A 149 16.51 7.98 10.51
CA LEU A 149 15.14 7.47 10.59
C LEU A 149 14.15 8.51 10.11
N ALA A 150 13.06 8.04 9.51
CA ALA A 150 11.94 8.92 9.16
C ALA A 150 11.38 9.53 10.44
N GLU A 151 10.94 10.78 10.37
CA GLU A 151 10.52 11.50 11.57
C GLU A 151 9.08 11.21 11.99
N GLU A 152 8.19 11.02 11.02
CA GLU A 152 6.80 10.71 11.33
C GLU A 152 6.43 9.28 10.97
N GLU A 153 5.76 9.11 9.84
CA GLU A 153 5.32 7.78 9.41
C GLU A 153 6.41 7.08 8.61
N ILE A 154 6.30 5.76 8.53
CA ILE A 154 7.17 4.98 7.67
C ILE A 154 6.92 5.40 6.22
N ILE A 155 8.01 5.61 5.47
CA ILE A 155 7.90 6.09 4.10
C ILE A 155 8.28 5.01 3.10
N ILE A 156 7.54 4.95 2.00
CA ILE A 156 7.86 4.03 0.92
C ILE A 156 8.39 4.82 -0.28
N ARG A 157 9.58 4.48 -0.74
CA ARG A 157 10.21 5.21 -1.82
C ARG A 157 10.42 4.32 -3.05
N SER A 158 10.20 4.90 -4.23
CA SER A 158 10.39 4.19 -5.49
C SER A 158 10.23 5.15 -6.65
N GLU A 159 11.07 4.99 -7.66
CA GLU A 159 10.99 5.82 -8.85
C GLU A 159 9.66 5.58 -9.58
N ASN A 160 9.11 4.39 -9.39
CA ASN A 160 7.86 4.00 -10.02
C ASN A 160 7.35 2.67 -9.45
N LEU A 161 6.47 2.75 -8.45
CA LEU A 161 5.96 1.56 -7.77
C LEU A 161 5.28 0.58 -8.73
N THR A 162 4.64 1.10 -9.76
CA THR A 162 3.94 0.26 -10.73
C THR A 162 4.91 -0.60 -11.52
N ASN A 163 6.17 -0.17 -11.58
CA ASN A 163 7.21 -0.94 -12.25
C ASN A 163 7.95 -1.81 -11.26
N ASN A 164 7.71 -3.11 -11.32
CA ASN A 164 8.29 -4.05 -10.37
C ASN A 164 9.82 -4.17 -10.51
N ALA A 165 10.35 -3.65 -11.60
CA ALA A 165 11.79 -3.67 -11.84
C ALA A 165 12.50 -2.59 -11.03
N LYS A 166 11.74 -1.63 -10.51
CA LYS A 166 12.31 -0.55 -9.72
C LYS A 166 12.38 -0.91 -8.24
N THR A 167 13.56 -0.76 -7.65
CA THR A 167 13.77 -1.10 -6.25
C THR A 167 12.91 -0.23 -5.35
N ILE A 168 12.42 -0.83 -4.27
CA ILE A 168 11.66 -0.08 -3.26
C ILE A 168 12.51 0.14 -2.02
N ILE A 169 12.56 1.38 -1.55
CA ILE A 169 13.24 1.70 -0.31
C ILE A 169 12.22 1.96 0.79
N VAL A 170 12.28 1.15 1.84
CA VAL A 170 11.43 1.35 3.01
C VAL A 170 12.20 2.14 4.07
N HIS A 171 11.66 3.30 4.43
CA HIS A 171 12.30 4.15 5.43
C HIS A 171 11.59 4.02 6.77
N LEU A 172 12.25 3.36 7.72
CA LEU A 172 11.65 3.11 9.03
C LEU A 172 11.65 4.36 9.91
N ASN A 173 10.65 4.46 10.79
CA ASN A 173 10.59 5.57 11.74
C ASN A 173 11.03 5.13 13.12
N LYS A 174 11.44 3.88 13.24
CA LYS A 174 11.95 3.33 14.49
C LYS A 174 13.02 2.28 14.22
N SER A 175 14.16 2.41 14.88
CA SER A 175 15.28 1.50 14.70
C SER A 175 14.99 0.11 15.26
N VAL A 176 15.56 -0.91 14.63
CA VAL A 176 15.54 -2.25 15.18
C VAL A 176 16.97 -2.80 15.17
N GLU A 177 17.55 -2.94 16.35
CA GLU A 177 18.94 -3.37 16.48
C GLU A 177 19.17 -4.78 15.91
N ILE A 178 20.30 -4.94 15.25
CA ILE A 178 20.75 -6.26 14.81
C ILE A 178 22.16 -6.50 15.36
N ASN A 179 22.31 -7.61 16.09
CA ASN A 179 23.55 -7.90 16.80
C ASN A 179 24.31 -9.06 16.17
N CYS A 180 25.38 -8.76 15.46
CA CYS A 180 26.11 -9.76 14.71
C CYS A 180 27.46 -10.10 15.33
N THR A 181 27.72 -11.39 15.53
CA THR A 181 28.93 -11.83 16.20
C THR A 181 29.58 -13.04 15.54
N ARG A 182 30.90 -12.98 15.41
CA ARG A 182 31.70 -14.15 15.09
C ARG A 182 32.46 -14.50 16.36
N PRO A 183 31.94 -15.46 17.14
CA PRO A 183 32.47 -15.79 18.47
C PRO A 183 33.96 -16.13 18.46
N SER A 184 34.64 -15.81 19.56
CA SER A 184 36.06 -16.08 19.69
C SER A 184 36.35 -17.56 19.52
N ASN A 185 35.57 -18.39 20.19
CA ASN A 185 35.71 -19.84 20.10
C ASN A 185 34.38 -20.56 20.27
N GLY A 192 37.20 -25.04 15.55
CA GLY A 192 35.89 -24.48 15.21
C GLY A 192 35.90 -23.77 13.87
N ASP A 193 34.72 -23.47 13.37
CA ASP A 193 34.57 -22.78 12.08
C ASP A 193 34.77 -21.28 12.27
N ILE A 194 35.94 -20.78 11.89
CA ILE A 194 36.28 -19.38 12.10
C ILE A 194 35.42 -18.43 11.25
N ARG A 195 34.71 -18.98 10.28
CA ARG A 195 33.89 -18.17 9.39
C ARG A 195 32.41 -18.23 9.77
N LYS A 196 32.08 -19.10 10.71
CA LYS A 196 30.71 -19.20 11.20
C LYS A 196 30.38 -18.03 12.11
N ALA A 197 29.19 -17.47 11.93
CA ALA A 197 28.74 -16.35 12.75
C ALA A 197 27.22 -16.30 12.79
N TYR A 198 26.68 -15.33 13.51
CA TYR A 198 25.24 -15.20 13.65
C TYR A 198 24.82 -13.77 13.99
N CYS A 199 23.58 -13.43 13.64
CA CYS A 199 23.01 -12.14 14.00
C CYS A 199 21.76 -12.34 14.85
N GLU A 200 21.68 -11.61 15.96
CA GLU A 200 20.53 -11.71 16.85
C GLU A 200 19.64 -10.48 16.71
N ILE A 201 18.33 -10.71 16.78
CA ILE A 201 17.35 -9.64 16.62
C ILE A 201 16.12 -9.90 17.48
N ASN A 202 15.67 -8.88 18.19
CA ASN A 202 14.45 -8.99 19.00
C ASN A 202 13.24 -9.22 18.11
N GLY A 203 12.70 -10.44 18.15
CA GLY A 203 11.58 -10.82 17.30
C GLY A 203 10.34 -9.98 17.53
N THR A 204 10.09 -9.61 18.78
CA THR A 204 8.92 -8.81 19.11
C THR A 204 8.97 -7.45 18.42
N LYS A 205 10.15 -6.83 18.44
CA LYS A 205 10.33 -5.54 17.80
C LYS A 205 10.26 -5.65 16.28
N TRP A 206 10.95 -6.63 15.73
CA TRP A 206 11.01 -6.79 14.28
C TRP A 206 9.65 -7.05 13.66
N ASN A 207 8.92 -8.02 14.20
CA ASN A 207 7.61 -8.38 13.67
C ASN A 207 6.60 -7.25 13.78
N LYS A 208 6.73 -6.44 14.82
CA LYS A 208 5.84 -5.30 15.00
C LYS A 208 6.14 -4.24 13.93
N VAL A 209 7.42 -4.04 13.65
CA VAL A 209 7.83 -3.10 12.62
C VAL A 209 7.43 -3.60 11.23
N LEU A 210 7.66 -4.88 10.98
CA LEU A 210 7.33 -5.48 9.69
C LEU A 210 5.82 -5.40 9.44
N LYS A 211 5.05 -5.53 10.52
CA LYS A 211 3.60 -5.39 10.44
C LYS A 211 3.23 -3.97 10.01
N GLN A 212 3.89 -2.99 10.62
CA GLN A 212 3.66 -1.59 10.27
C GLN A 212 4.03 -1.32 8.81
N VAL A 213 5.10 -1.97 8.35
CA VAL A 213 5.51 -1.84 6.95
C VAL A 213 4.45 -2.43 6.04
N THR A 214 3.86 -3.54 6.46
CA THR A 214 2.80 -4.19 5.71
C THR A 214 1.63 -3.25 5.52
N GLU A 215 1.21 -2.61 6.61
CA GLU A 215 0.08 -1.68 6.57
C GLU A 215 0.38 -0.48 5.67
N LYS A 216 1.63 -0.05 5.65
CA LYS A 216 2.01 1.09 4.82
C LYS A 216 1.97 0.73 3.34
N LEU A 217 2.48 -0.45 3.02
CA LEU A 217 2.48 -0.94 1.64
C LEU A 217 1.05 -1.05 1.11
N LYS A 218 0.12 -1.41 1.98
CA LYS A 218 -1.28 -1.50 1.61
C LYS A 218 -1.79 -0.17 1.06
N GLU A 219 -1.37 0.92 1.68
CA GLU A 219 -1.78 2.25 1.26
C GLU A 219 -1.35 2.55 -0.17
N HIS A 220 -0.26 1.94 -0.59
CA HIS A 220 0.28 2.19 -1.92
C HIS A 220 -0.16 1.16 -2.95
N PHE A 221 -0.73 0.05 -2.47
CA PHE A 221 -1.16 -1.03 -3.36
C PHE A 221 -2.63 -1.40 -3.19
N ASN A 222 -3.48 -0.39 -3.05
CA ASN A 222 -4.93 -0.57 -3.09
C ASN A 222 -5.47 -1.61 -2.10
N ASN A 223 -4.78 -1.77 -0.97
CA ASN A 223 -5.20 -2.72 0.07
C ASN A 223 -5.09 -4.19 -0.34
N LYS A 224 -4.27 -4.47 -1.33
CA LYS A 224 -3.98 -5.85 -1.68
C LYS A 224 -3.24 -6.51 -0.53
N THR A 225 -3.25 -7.84 -0.50
CA THR A 225 -2.58 -8.57 0.57
C THR A 225 -1.07 -8.56 0.38
N ILE A 226 -0.36 -8.13 1.41
CA ILE A 226 1.09 -7.99 1.33
C ILE A 226 1.79 -9.22 1.88
N ILE A 227 2.59 -9.86 1.03
CA ILE A 227 3.31 -11.07 1.41
C ILE A 227 4.82 -10.90 1.26
N PHE A 228 5.56 -11.34 2.28
CA PHE A 228 7.01 -11.32 2.23
C PHE A 228 7.56 -12.72 1.93
N GLN A 229 8.63 -12.76 1.14
CA GLN A 229 9.28 -14.03 0.81
C GLN A 229 10.78 -13.82 0.64
N PRO A 230 11.57 -14.87 0.90
CA PRO A 230 13.01 -14.80 0.69
C PRO A 230 13.33 -14.69 -0.80
N PRO A 231 14.49 -14.11 -1.14
CA PRO A 231 14.89 -13.92 -2.53
C PRO A 231 14.74 -15.20 -3.34
N SER A 232 14.35 -15.07 -4.60
CA SER A 232 14.13 -16.23 -5.46
C SER A 232 15.45 -16.79 -5.99
N GLY A 233 16.35 -15.89 -6.38
CA GLY A 233 17.65 -16.29 -6.90
C GLY A 233 18.61 -15.12 -6.96
N GLY A 234 19.76 -15.32 -7.60
CA GLY A 234 20.76 -14.27 -7.72
C GLY A 234 22.00 -14.58 -6.91
N ASP A 235 22.97 -13.68 -6.96
CA ASP A 235 24.23 -13.86 -6.23
C ASP A 235 24.03 -13.79 -4.72
N LEU A 236 24.97 -14.35 -3.98
CA LEU A 236 24.88 -14.40 -2.53
C LEU A 236 24.76 -13.01 -1.90
N GLU A 237 25.37 -12.02 -2.53
CA GLU A 237 25.34 -10.65 -2.02
C GLU A 237 23.92 -10.11 -1.95
N ILE A 238 23.03 -10.68 -2.76
CA ILE A 238 21.66 -10.21 -2.85
C ILE A 238 20.68 -11.15 -2.15
N THR A 239 20.90 -12.45 -2.29
CA THR A 239 20.02 -13.43 -1.66
C THR A 239 20.16 -13.39 -0.14
N MET A 240 21.30 -12.88 0.32
CA MET A 240 21.55 -12.75 1.75
C MET A 240 21.84 -11.30 2.11
N HIS A 241 21.64 -10.97 3.39
CA HIS A 241 22.00 -9.67 3.92
C HIS A 241 23.52 -9.60 4.03
N SER A 242 24.15 -8.83 3.14
CA SER A 242 25.60 -8.69 3.18
C SER A 242 26.00 -7.31 3.68
N PHE A 243 27.07 -7.27 4.45
CA PHE A 243 27.57 -6.03 5.02
C PHE A 243 29.01 -6.22 5.47
N ASN A 244 29.67 -5.13 5.84
CA ASN A 244 31.04 -5.22 6.32
C ASN A 244 31.15 -4.81 7.79
N CYS A 245 31.63 -5.74 8.61
CA CYS A 245 31.82 -5.50 10.03
C CYS A 245 33.29 -5.59 10.41
N ARG A 246 33.87 -4.44 10.74
CA ARG A 246 35.28 -4.38 11.15
C ARG A 246 36.22 -4.94 10.08
N GLY A 247 35.88 -4.70 8.82
CA GLY A 247 36.72 -5.12 7.72
C GLY A 247 36.36 -6.50 7.17
N GLU A 248 35.54 -7.24 7.91
CA GLU A 248 35.14 -8.58 7.49
C GLU A 248 33.78 -8.54 6.79
N PHE A 249 33.66 -9.29 5.70
CA PHE A 249 32.40 -9.34 4.95
C PHE A 249 31.46 -10.40 5.50
N PHE A 250 30.31 -9.97 6.00
CA PHE A 250 29.31 -10.86 6.57
C PHE A 250 28.17 -11.13 5.58
N TYR A 251 27.79 -12.40 5.47
CA TYR A 251 26.64 -12.81 4.67
C TYR A 251 25.64 -13.53 5.56
N CYS A 252 24.50 -12.91 5.82
CA CYS A 252 23.53 -13.46 6.74
C CYS A 252 22.23 -13.92 6.08
N ASN A 253 21.76 -15.11 6.47
CA ASN A 253 20.51 -15.66 5.96
C ASN A 253 19.32 -15.03 6.67
N THR A 254 18.53 -14.26 5.91
CA THR A 254 17.43 -13.51 6.50
C THR A 254 16.07 -14.16 6.27
N THR A 255 16.05 -15.45 6.01
CA THR A 255 14.79 -16.16 5.79
C THR A 255 13.86 -16.02 6.99
N GLN A 256 14.42 -16.04 8.19
CA GLN A 256 13.62 -15.93 9.41
C GLN A 256 12.99 -14.56 9.58
N LEU A 257 13.56 -13.54 8.94
CA LEU A 257 13.04 -12.19 9.06
C LEU A 257 11.86 -11.94 8.14
N PHE A 258 11.87 -12.59 6.98
CA PHE A 258 10.85 -12.32 5.97
C PHE A 258 9.91 -13.50 5.72
N ASN A 259 9.29 -13.98 6.79
CA ASN A 259 8.21 -14.95 6.70
C ASN A 259 6.92 -14.38 7.27
N ASN A 260 5.80 -14.64 6.60
CA ASN A 260 4.54 -13.99 6.95
C ASN A 260 3.75 -14.70 8.05
N THR A 261 4.39 -15.66 8.71
CA THR A 261 3.74 -16.41 9.79
C THR A 261 3.54 -15.55 11.03
N CYS A 262 4.54 -14.72 11.35
CA CYS A 262 4.49 -13.89 12.54
C CYS A 262 3.76 -12.56 12.30
N ILE A 263 2.67 -12.62 11.55
CA ILE A 263 1.86 -11.44 11.28
C ILE A 263 0.37 -11.79 11.21
N ASN A 272 8.24 -14.44 19.01
CA ASN A 272 8.45 -13.21 19.77
C ASN A 272 9.78 -13.23 20.52
N GLY A 273 10.44 -14.38 20.55
CA GLY A 273 11.73 -14.52 21.19
C GLY A 273 12.83 -13.91 20.36
N THR A 274 14.07 -14.29 20.66
CA THR A 274 15.22 -13.79 19.92
C THR A 274 15.38 -14.53 18.59
N ILE A 275 15.52 -13.77 17.51
CA ILE A 275 15.76 -14.35 16.20
C ILE A 275 17.25 -14.45 15.93
N THR A 276 17.73 -15.68 15.73
CA THR A 276 19.14 -15.92 15.46
C THR A 276 19.37 -16.27 14.00
N LEU A 277 19.93 -15.35 13.25
CA LEU A 277 20.22 -15.57 11.83
C LEU A 277 21.59 -16.19 11.66
N PRO A 278 21.67 -17.30 10.91
CA PRO A 278 22.95 -17.92 10.59
C PRO A 278 23.74 -17.09 9.60
N CYS A 279 25.00 -16.80 9.91
CA CYS A 279 25.85 -15.99 9.03
C CYS A 279 27.18 -16.68 8.75
N LYS A 280 27.85 -16.21 7.71
CA LYS A 280 29.19 -16.68 7.40
C LYS A 280 30.04 -15.52 6.92
N ILE A 281 31.31 -15.52 7.31
CA ILE A 281 32.26 -14.54 6.80
C ILE A 281 32.87 -15.07 5.51
N LYS A 282 32.78 -14.29 4.44
CA LYS A 282 33.32 -14.72 3.16
C LYS A 282 34.56 -13.93 2.77
N GLN A 283 35.53 -14.62 2.17
CA GLN A 283 36.74 -13.99 1.70
C GLN A 283 36.60 -13.62 0.23
N ILE A 284 35.85 -14.42 -0.50
CA ILE A 284 35.60 -14.18 -1.92
C ILE A 284 34.26 -13.47 -2.11
N ILE A 285 34.31 -12.27 -2.67
CA ILE A 285 33.12 -11.44 -2.78
C ILE A 285 32.90 -10.91 -4.20
N ASN A 286 31.63 -10.70 -4.56
CA ASN A 286 31.31 -9.96 -5.76
C ASN A 286 31.31 -8.48 -5.43
N MET A 287 32.20 -7.72 -6.08
CA MET A 287 32.39 -6.31 -5.77
C MET A 287 31.13 -5.49 -6.06
N TRP A 288 30.72 -4.69 -5.07
CA TRP A 288 29.56 -3.82 -5.24
C TRP A 288 29.88 -2.71 -6.24
N GLN A 289 31.15 -2.48 -6.49
CA GLN A 289 31.56 -1.54 -7.52
C GLN A 289 31.25 -2.13 -8.89
N GLY A 290 30.82 -3.39 -8.89
CA GLY A 290 30.46 -4.09 -10.12
C GLY A 290 31.63 -4.37 -11.03
N THR A 291 32.79 -4.64 -10.44
CA THR A 291 34.00 -4.87 -11.22
C THR A 291 34.62 -6.25 -10.95
N GLY A 292 33.82 -7.30 -11.09
CA GLY A 292 34.31 -8.66 -10.94
C GLY A 292 34.28 -9.17 -9.52
N GLN A 293 35.23 -10.04 -9.18
CA GLN A 293 35.30 -10.65 -7.86
C GLN A 293 36.58 -10.28 -7.13
N ALA A 294 36.57 -10.40 -5.81
CA ALA A 294 37.72 -10.09 -4.99
C ALA A 294 37.87 -11.09 -3.84
N MET A 295 39.11 -11.45 -3.54
CA MET A 295 39.39 -12.34 -2.41
C MET A 295 40.18 -11.63 -1.33
N TYR A 296 39.72 -11.74 -0.10
CA TYR A 296 40.42 -11.15 1.04
C TYR A 296 40.98 -12.24 1.96
N ALA A 297 41.80 -11.82 2.92
CA ALA A 297 42.40 -12.75 3.87
C ALA A 297 41.36 -13.21 4.89
N PRO A 298 41.62 -14.36 5.53
CA PRO A 298 40.72 -14.92 6.55
C PRO A 298 40.46 -13.94 7.69
N PRO A 299 39.42 -14.20 8.49
CA PRO A 299 39.02 -13.33 9.60
C PRO A 299 40.13 -13.18 10.64
N ILE A 300 40.19 -12.02 11.28
CA ILE A 300 41.09 -11.82 12.40
C ILE A 300 40.62 -12.67 13.58
N ASP A 301 41.51 -12.86 14.56
CA ASP A 301 41.16 -13.66 15.73
C ASP A 301 40.31 -12.87 16.72
N GLY A 302 39.76 -13.58 17.70
CA GLY A 302 38.97 -12.95 18.75
C GLY A 302 37.51 -12.72 18.36
N LYS A 303 36.77 -12.11 19.27
CA LYS A 303 35.36 -11.83 19.04
C LYS A 303 35.18 -10.71 18.02
N ILE A 304 34.48 -11.01 16.92
CA ILE A 304 34.14 -10.02 15.91
C ILE A 304 32.67 -9.65 16.06
N ASN A 305 32.41 -8.43 16.48
CA ASN A 305 31.05 -8.01 16.82
C ASN A 305 30.66 -6.61 16.33
N CYS A 306 29.49 -6.52 15.73
CA CYS A 306 28.93 -5.23 15.32
C CYS A 306 27.45 -5.15 15.67
N VAL A 307 27.08 -4.12 16.41
CA VAL A 307 25.67 -3.86 16.73
C VAL A 307 25.18 -2.70 15.89
N SER A 308 24.24 -2.96 14.99
CA SER A 308 23.77 -1.95 14.05
C SER A 308 22.29 -1.65 14.20
N ASN A 309 21.90 -0.44 13.80
CA ASN A 309 20.49 -0.08 13.72
C ASN A 309 19.95 -0.37 12.32
N ILE A 310 18.91 -1.17 12.23
CA ILE A 310 18.19 -1.32 10.98
C ILE A 310 17.28 -0.10 10.85
N THR A 311 17.53 0.73 9.84
CA THR A 311 16.77 1.96 9.66
C THR A 311 15.99 1.96 8.35
N GLY A 312 16.21 0.94 7.54
CA GLY A 312 15.53 0.84 6.26
C GLY A 312 15.66 -0.53 5.63
N ILE A 313 14.80 -0.81 4.65
CA ILE A 313 14.80 -2.09 3.97
C ILE A 313 14.70 -1.90 2.45
N LEU A 314 15.45 -2.71 1.71
CA LEU A 314 15.38 -2.69 0.26
C LEU A 314 14.53 -3.86 -0.24
N LEU A 315 13.48 -3.55 -0.98
CA LEU A 315 12.54 -4.57 -1.42
C LEU A 315 12.40 -4.60 -2.94
N THR A 316 12.16 -5.80 -3.48
CA THR A 316 11.79 -5.96 -4.87
C THR A 316 10.43 -6.65 -4.92
N ARG A 317 9.55 -6.17 -5.80
CA ARG A 317 8.21 -6.73 -5.89
C ARG A 317 8.08 -7.72 -7.05
N ASP A 318 7.44 -8.85 -6.78
CA ASP A 318 7.21 -9.86 -7.80
C ASP A 318 6.30 -9.35 -8.90
N GLY A 319 6.57 -9.77 -10.14
CA GLY A 319 5.71 -9.44 -11.25
C GLY A 319 4.69 -10.54 -11.48
N GLY A 320 3.71 -10.28 -12.34
CA GLY A 320 2.72 -11.28 -12.70
C GLY A 320 1.70 -11.57 -11.61
N ALA A 321 1.31 -10.55 -10.86
CA ALA A 321 0.34 -10.73 -9.78
C ALA A 321 -0.88 -9.83 -9.95
N ASN A 322 -1.02 -9.23 -11.12
CA ASN A 322 -2.11 -8.31 -11.40
C ASN A 322 -3.50 -8.94 -11.28
N ASN A 323 -3.58 -10.24 -11.57
CA ASN A 323 -4.86 -10.95 -11.53
C ASN A 323 -5.09 -11.66 -10.21
N THR A 324 -4.37 -11.25 -9.16
CA THR A 324 -4.53 -11.82 -7.84
C THR A 324 -4.64 -10.70 -6.80
N SER A 325 -4.97 -11.07 -5.57
CA SER A 325 -5.12 -10.09 -4.50
C SER A 325 -3.85 -9.95 -3.67
N ASN A 326 -2.80 -10.67 -4.07
CA ASN A 326 -1.52 -10.61 -3.37
C ASN A 326 -0.46 -9.79 -4.08
N GLU A 327 0.39 -9.15 -3.30
CA GLU A 327 1.62 -8.55 -3.81
C GLU A 327 2.77 -9.16 -3.01
N THR A 328 3.77 -9.67 -3.72
CA THR A 328 4.89 -10.34 -3.06
C THR A 328 6.15 -9.49 -3.08
N PHE A 329 6.73 -9.30 -1.91
CA PHE A 329 7.95 -8.50 -1.76
C PHE A 329 9.09 -9.35 -1.21
N ARG A 330 10.26 -9.21 -1.83
CA ARG A 330 11.44 -9.95 -1.39
C ARG A 330 12.59 -8.97 -1.12
N PRO A 331 13.40 -9.25 -0.09
CA PRO A 331 14.53 -8.38 0.21
C PRO A 331 15.51 -8.34 -0.97
N GLY A 332 16.03 -7.16 -1.27
CA GLY A 332 16.91 -7.00 -2.41
C GLY A 332 18.10 -6.09 -2.15
N GLY A 333 18.51 -5.37 -3.19
CA GLY A 333 19.67 -4.50 -3.10
C GLY A 333 20.70 -4.88 -4.14
N GLY A 334 21.93 -4.40 -3.96
CA GLY A 334 23.01 -4.71 -4.88
C GLY A 334 23.49 -3.47 -5.62
N ASN A 335 22.61 -2.48 -5.72
CA ASN A 335 22.99 -1.19 -6.28
C ASN A 335 23.19 -0.19 -5.14
N ILE A 336 24.44 -0.07 -4.71
CA ILE A 336 24.76 0.73 -3.52
C ILE A 336 24.33 2.19 -3.65
N LYS A 337 24.05 2.63 -4.88
CA LYS A 337 23.55 3.99 -5.10
C LYS A 337 22.22 4.20 -4.38
N ASP A 338 21.43 3.13 -4.29
CA ASP A 338 20.18 3.18 -3.54
C ASP A 338 20.43 3.47 -2.06
N ASN A 339 21.53 2.94 -1.54
CA ASN A 339 21.91 3.20 -0.16
C ASN A 339 22.12 4.69 0.08
N TRP A 340 22.82 5.34 -0.84
CA TRP A 340 23.08 6.77 -0.72
C TRP A 340 21.80 7.58 -0.93
N ARG A 341 20.94 7.09 -1.84
CA ARG A 341 19.65 7.75 -2.05
C ARG A 341 18.82 7.79 -0.78
N SER A 342 18.89 6.72 0.01
CA SER A 342 18.09 6.61 1.23
C SER A 342 18.41 7.73 2.22
N GLU A 343 19.55 8.37 2.03
CA GLU A 343 19.99 9.46 2.92
C GLU A 343 20.00 10.81 2.20
N LEU A 344 20.12 10.79 0.89
CA LEU A 344 20.26 12.03 0.11
C LEU A 344 18.95 12.49 -0.53
N TYR A 345 17.87 11.78 -0.24
CA TYR A 345 16.59 12.01 -0.91
C TYR A 345 16.06 13.44 -0.74
N LYS A 346 16.36 14.07 0.39
CA LYS A 346 15.81 15.38 0.69
C LYS A 346 16.67 16.55 0.20
N TYR A 347 17.75 16.25 -0.52
CA TYR A 347 18.67 17.30 -0.96
C TYR A 347 18.71 17.44 -2.47
N LYS A 348 18.97 18.67 -2.93
CA LYS A 348 19.28 18.92 -4.33
C LYS A 348 20.14 20.18 -4.46
N VAL A 349 20.98 20.22 -5.49
CA VAL A 349 21.86 21.35 -5.70
C VAL A 349 21.23 22.36 -6.67
N VAL A 350 21.36 23.65 -6.34
CA VAL A 350 20.90 24.70 -7.23
C VAL A 350 22.00 25.76 -7.38
N GLN A 351 22.00 26.43 -8.54
CA GLN A 351 22.94 27.50 -8.80
C GLN A 351 22.31 28.86 -8.55
N ILE A 352 23.02 29.72 -7.83
CA ILE A 352 22.52 31.05 -7.50
C ILE A 352 22.81 32.05 -8.62
N GLU A 353 22.00 33.09 -8.70
CA GLU A 353 22.17 34.12 -9.73
C GLU A 353 23.53 34.80 -9.60
N VAL B 1 -26.09 29.96 8.80
CA VAL B 1 -26.98 28.94 9.37
C VAL B 1 -27.19 27.78 8.42
N TRP B 2 -26.85 28.00 7.15
CA TRP B 2 -26.91 26.96 6.11
C TRP B 2 -28.25 26.23 6.02
N LYS B 3 -28.46 25.54 4.89
CA LYS B 3 -29.70 24.81 4.64
C LYS B 3 -29.46 23.67 3.64
N ASP B 4 -30.33 22.66 3.69
CA ASP B 4 -30.22 21.53 2.77
C ASP B 4 -30.32 21.99 1.33
N ALA B 5 -29.52 21.36 0.45
CA ALA B 5 -29.51 21.75 -0.96
C ALA B 5 -28.72 20.73 -1.79
N ASP B 6 -28.96 20.77 -3.10
CA ASP B 6 -28.24 19.91 -4.04
C ASP B 6 -27.42 20.76 -4.99
N THR B 7 -26.23 20.29 -5.33
CA THR B 7 -25.35 21.02 -6.24
C THR B 7 -24.42 20.09 -7.00
N THR B 8 -23.60 20.66 -7.88
CA THR B 8 -22.64 19.89 -8.65
C THR B 8 -21.41 19.55 -7.81
N LEU B 9 -21.29 18.28 -7.43
CA LEU B 9 -20.14 17.84 -6.64
C LEU B 9 -18.97 17.47 -7.56
N PHE B 10 -17.76 17.54 -7.02
CA PHE B 10 -16.58 17.09 -7.75
C PHE B 10 -15.89 15.96 -7.00
N CYS B 11 -14.99 15.25 -7.67
CA CYS B 11 -14.32 14.11 -7.06
C CYS B 11 -12.81 14.32 -6.92
N ALA B 12 -12.22 13.59 -5.99
CA ALA B 12 -10.78 13.63 -5.77
C ALA B 12 -10.27 12.21 -5.50
N SER B 13 -9.05 11.93 -5.94
CA SER B 13 -8.47 10.60 -5.75
C SER B 13 -6.96 10.66 -5.81
N ASP B 14 -6.33 9.49 -5.67
CA ASP B 14 -4.87 9.38 -5.75
C ASP B 14 -4.46 8.52 -6.94
N ALA B 15 -5.16 8.67 -8.05
CA ALA B 15 -4.91 7.87 -9.25
C ALA B 15 -3.59 8.24 -9.92
N LYS B 16 -3.01 7.26 -10.62
CA LYS B 16 -1.77 7.48 -11.37
C LYS B 16 -2.07 7.71 -12.85
N ALA B 17 -1.43 8.72 -13.43
CA ALA B 17 -1.70 9.12 -14.81
C ALA B 17 -1.05 8.19 -15.83
N HIS B 18 -0.13 7.35 -15.38
CA HIS B 18 0.58 6.44 -16.28
C HIS B 18 -0.10 5.08 -16.36
N GLU B 19 -1.05 4.83 -15.46
CA GLU B 19 -1.76 3.56 -15.38
C GLU B 19 -2.66 3.31 -16.59
N THR B 20 -2.87 2.04 -16.92
CA THR B 20 -3.85 1.65 -17.93
C THR B 20 -5.12 1.15 -17.26
N GLU B 21 -5.04 0.87 -15.96
CA GLU B 21 -6.19 0.43 -15.18
C GLU B 21 -7.31 1.46 -15.30
N VAL B 22 -8.49 1.00 -15.70
CA VAL B 22 -9.60 1.89 -16.07
C VAL B 22 -10.00 2.90 -14.98
N HIS B 23 -10.09 2.45 -13.74
CA HIS B 23 -10.48 3.35 -12.65
C HIS B 23 -9.48 4.49 -12.51
N ASN B 24 -8.20 4.15 -12.56
CA ASN B 24 -7.15 5.15 -12.52
C ASN B 24 -7.25 6.13 -13.69
N VAL B 25 -7.47 5.59 -14.89
CA VAL B 25 -7.60 6.42 -16.08
C VAL B 25 -8.74 7.42 -15.94
N TRP B 26 -9.90 6.93 -15.55
CA TRP B 26 -11.09 7.77 -15.39
C TRP B 26 -10.86 8.87 -14.36
N ALA B 27 -10.31 8.51 -13.21
CA ALA B 27 -10.07 9.46 -12.12
C ALA B 27 -9.02 10.50 -12.51
N THR B 28 -8.09 10.12 -13.39
CA THR B 28 -7.07 11.04 -13.87
C THR B 28 -7.69 12.13 -14.73
N HIS B 29 -8.77 11.78 -15.44
CA HIS B 29 -9.44 12.71 -16.34
C HIS B 29 -10.56 13.45 -15.64
N ALA B 30 -11.15 12.83 -14.62
CA ALA B 30 -12.38 13.33 -14.03
C ALA B 30 -12.25 13.86 -12.60
N CYS B 31 -11.09 13.64 -11.98
CA CYS B 31 -10.91 14.02 -10.58
C CYS B 31 -9.66 14.85 -10.35
N VAL B 32 -9.59 15.47 -9.17
CA VAL B 32 -8.43 16.24 -8.76
C VAL B 32 -7.72 15.49 -7.62
N PRO B 33 -6.51 15.93 -7.28
CA PRO B 33 -5.74 15.31 -6.19
C PRO B 33 -6.46 15.43 -4.86
N THR B 34 -6.21 14.48 -3.95
CA THR B 34 -6.82 14.51 -2.64
C THR B 34 -6.13 15.52 -1.73
N ASP B 35 -6.78 15.87 -0.63
CA ASP B 35 -6.20 16.77 0.36
C ASP B 35 -5.53 15.97 1.47
N PRO B 36 -4.22 16.18 1.65
CA PRO B 36 -3.42 15.47 2.66
C PRO B 36 -3.83 15.84 4.08
N ASN B 37 -4.26 17.09 4.27
CA ASN B 37 -4.71 17.54 5.58
C ASN B 37 -6.09 18.17 5.56
N PRO B 38 -7.14 17.35 5.34
CA PRO B 38 -8.52 17.82 5.32
C PRO B 38 -9.00 18.22 6.70
N GLN B 39 -9.75 19.30 6.79
CA GLN B 39 -10.24 19.80 8.07
C GLN B 39 -11.66 19.31 8.35
N GLU B 40 -11.89 18.89 9.59
CA GLU B 40 -13.22 18.44 10.01
C GLU B 40 -13.66 19.22 11.26
N ILE B 41 -14.69 20.05 11.09
CA ILE B 41 -15.18 20.88 12.17
C ILE B 41 -16.41 20.27 12.84
N HIS B 42 -16.31 19.98 14.13
CA HIS B 42 -17.43 19.44 14.88
C HIS B 42 -18.39 20.54 15.31
N LEU B 43 -19.62 20.47 14.82
CA LEU B 43 -20.63 21.46 15.14
C LEU B 43 -21.21 21.21 16.54
N GLU B 44 -20.93 22.12 17.47
CA GLU B 44 -21.35 21.96 18.85
C GLU B 44 -22.86 22.04 19.04
N ASN B 45 -23.40 21.07 19.78
CA ASN B 45 -24.83 21.00 20.05
C ASN B 45 -25.70 21.28 18.82
N VAL B 46 -25.31 20.71 17.69
CA VAL B 46 -26.05 20.87 16.45
C VAL B 46 -26.68 19.56 16.00
N THR B 47 -27.99 19.45 16.18
CA THR B 47 -28.72 18.25 15.76
C THR B 47 -29.19 18.40 14.32
N GLU B 48 -28.92 17.38 13.51
CA GLU B 48 -29.27 17.41 12.10
C GLU B 48 -30.04 16.18 11.66
N ASN B 49 -31.04 16.39 10.80
CA ASN B 49 -31.80 15.29 10.24
C ASN B 49 -31.19 14.79 8.94
N PHE B 50 -31.10 13.47 8.81
CA PHE B 50 -30.52 12.85 7.63
C PHE B 50 -31.52 11.93 6.95
N ASN B 51 -31.28 11.62 5.68
CA ASN B 51 -32.13 10.69 4.94
C ASN B 51 -31.34 10.02 3.82
N MET B 52 -30.71 8.90 4.15
CA MET B 52 -29.85 8.19 3.20
C MET B 52 -30.61 7.76 1.95
N TRP B 53 -31.92 7.61 2.07
CA TRP B 53 -32.74 7.11 0.97
C TRP B 53 -33.17 8.21 0.02
N LYS B 54 -33.01 9.46 0.45
CA LYS B 54 -33.26 10.61 -0.40
C LYS B 54 -32.03 11.52 -0.41
N ASN B 55 -30.95 11.02 -0.99
CA ASN B 55 -29.69 11.75 -1.00
C ASN B 55 -29.15 11.90 -2.42
N ASN B 56 -29.19 13.11 -2.94
CA ASN B 56 -28.76 13.39 -4.30
C ASN B 56 -27.31 13.00 -4.56
N MET B 57 -26.55 12.83 -3.48
CA MET B 57 -25.16 12.39 -3.58
C MET B 57 -25.11 11.00 -4.24
N VAL B 58 -26.10 10.17 -3.91
CA VAL B 58 -26.18 8.83 -4.46
C VAL B 58 -26.32 8.87 -5.97
N GLU B 59 -27.27 9.66 -6.46
CA GLU B 59 -27.49 9.81 -7.90
C GLU B 59 -26.21 10.24 -8.63
N GLN B 60 -25.47 11.17 -8.03
CA GLN B 60 -24.26 11.68 -8.66
C GLN B 60 -23.14 10.64 -8.76
N MET B 61 -22.98 9.84 -7.71
CA MET B 61 -22.00 8.75 -7.76
C MET B 61 -22.43 7.72 -8.80
N GLN B 62 -23.73 7.41 -8.80
CA GLN B 62 -24.30 6.48 -9.77
C GLN B 62 -23.93 6.93 -11.18
N GLU B 63 -24.04 8.22 -11.44
CA GLU B 63 -23.76 8.78 -12.76
C GLU B 63 -22.29 8.61 -13.15
N ASP B 64 -21.40 8.84 -12.19
CA ASP B 64 -19.96 8.68 -12.44
C ASP B 64 -19.61 7.24 -12.82
N VAL B 65 -20.06 6.29 -12.02
CA VAL B 65 -19.73 4.88 -12.25
C VAL B 65 -20.30 4.40 -13.58
N ILE B 66 -21.51 4.83 -13.90
CA ILE B 66 -22.11 4.52 -15.19
C ILE B 66 -21.21 5.05 -16.31
N SER B 67 -20.72 6.26 -16.12
CA SER B 67 -19.83 6.88 -17.10
C SER B 67 -18.53 6.08 -17.22
N LEU B 68 -17.96 5.72 -16.07
CA LEU B 68 -16.72 4.95 -16.05
C LEU B 68 -16.89 3.62 -16.78
N TRP B 69 -17.96 2.90 -16.45
CA TRP B 69 -18.23 1.61 -17.07
C TRP B 69 -18.51 1.72 -18.56
N ASP B 70 -19.31 2.72 -18.95
CA ASP B 70 -19.65 2.91 -20.35
C ASP B 70 -18.41 3.16 -21.20
N GLN B 71 -17.40 3.80 -20.60
CA GLN B 71 -16.18 4.16 -21.32
C GLN B 71 -15.15 3.04 -21.28
N SER B 72 -15.22 2.19 -20.25
CA SER B 72 -14.16 1.21 -20.00
C SER B 72 -14.56 -0.23 -20.34
N LEU B 73 -15.78 -0.61 -19.97
CA LEU B 73 -16.22 -1.99 -20.15
C LEU B 73 -17.19 -2.15 -21.33
N GLN B 74 -16.67 -1.98 -22.53
CA GLN B 74 -17.47 -2.14 -23.74
C GLN B 74 -17.43 -3.59 -24.22
N PRO B 75 -18.61 -4.22 -24.34
CA PRO B 75 -18.75 -5.63 -24.73
C PRO B 75 -18.55 -5.87 -26.23
N CYS B 76 -18.49 -7.14 -26.61
CA CYS B 76 -18.35 -7.51 -28.01
C CYS B 76 -19.64 -7.21 -28.76
N VAL B 77 -20.76 -7.53 -28.12
CA VAL B 77 -22.08 -7.27 -28.68
C VAL B 77 -23.01 -6.69 -27.62
N LYS B 78 -23.69 -5.60 -27.97
CA LYS B 78 -24.59 -4.94 -27.02
C LYS B 78 -26.03 -5.03 -27.48
N LEU B 79 -26.90 -5.52 -26.61
CA LEU B 79 -28.33 -5.60 -26.89
C LEU B 79 -29.08 -4.58 -26.05
N THR B 80 -29.25 -3.38 -26.59
CA THR B 80 -29.87 -2.28 -25.85
C THR B 80 -31.27 -1.96 -26.35
N GLY B 81 -31.42 -0.81 -27.01
CA GLY B 81 -32.71 -0.36 -27.49
C GLY B 81 -33.18 -1.08 -28.74
N GLY B 82 -33.15 -2.41 -28.70
CA GLY B 82 -33.58 -3.20 -29.83
C GLY B 82 -32.52 -3.32 -30.91
N SER B 83 -31.49 -2.50 -30.81
CA SER B 83 -30.40 -2.51 -31.78
C SER B 83 -29.28 -3.44 -31.34
N VAL B 84 -28.48 -3.88 -32.31
CA VAL B 84 -27.33 -4.74 -32.04
C VAL B 84 -26.05 -4.13 -32.57
N ILE B 85 -25.12 -3.83 -31.68
CA ILE B 85 -23.87 -3.17 -32.05
C ILE B 85 -22.65 -4.05 -31.80
N LYS B 86 -22.07 -4.57 -32.88
CA LYS B 86 -20.86 -5.34 -32.79
C LYS B 86 -19.64 -4.42 -32.78
N GLN B 87 -18.72 -4.65 -31.85
CA GLN B 87 -17.54 -3.80 -31.73
C GLN B 87 -16.38 -4.53 -31.05
N ALA B 88 -15.24 -3.87 -30.96
CA ALA B 88 -14.06 -4.44 -30.33
C ALA B 88 -14.24 -4.54 -28.81
N CYS B 89 -13.98 -5.72 -28.27
CA CYS B 89 -14.13 -5.96 -26.84
C CYS B 89 -12.84 -6.54 -26.25
N PRO B 90 -11.77 -5.73 -26.25
CA PRO B 90 -10.48 -6.15 -25.71
C PRO B 90 -10.53 -6.30 -24.20
N LYS B 91 -9.62 -7.11 -23.65
CA LYS B 91 -9.53 -7.28 -22.20
C LYS B 91 -8.97 -6.01 -21.56
N ILE B 92 -9.31 -5.79 -20.30
CA ILE B 92 -8.91 -4.57 -19.62
C ILE B 92 -8.29 -4.86 -18.26
N SER B 93 -7.65 -3.84 -17.68
CA SER B 93 -7.15 -3.92 -16.31
C SER B 93 -8.19 -3.24 -15.42
N PHE B 94 -8.71 -4.00 -14.45
CA PHE B 94 -9.85 -3.53 -13.68
C PHE B 94 -9.68 -3.78 -12.18
N ASP B 95 -9.62 -2.68 -11.42
CA ASP B 95 -9.51 -2.75 -9.97
C ASP B 95 -9.87 -1.41 -9.34
N PRO B 96 -11.08 -1.32 -8.77
CA PRO B 96 -11.64 -0.08 -8.21
C PRO B 96 -10.72 0.59 -7.20
N ILE B 97 -10.58 1.91 -7.30
CA ILE B 97 -9.81 2.69 -6.33
C ILE B 97 -10.74 3.61 -5.56
N PRO B 98 -10.28 4.10 -4.40
CA PRO B 98 -11.08 5.00 -3.56
C PRO B 98 -11.37 6.32 -4.28
N ILE B 99 -12.63 6.75 -4.26
CA ILE B 99 -13.02 8.04 -4.83
C ILE B 99 -13.66 8.90 -3.75
N HIS B 100 -13.16 10.12 -3.62
CA HIS B 100 -13.73 11.07 -2.65
C HIS B 100 -14.70 12.00 -3.37
N TYR B 101 -15.82 12.30 -2.71
CA TYR B 101 -16.79 13.24 -3.26
C TYR B 101 -16.83 14.53 -2.44
N CYS B 102 -16.69 15.66 -3.11
CA CYS B 102 -16.50 16.94 -2.45
C CYS B 102 -17.46 18.01 -2.95
N THR B 103 -17.76 18.97 -2.08
CA THR B 103 -18.60 20.11 -2.45
C THR B 103 -17.74 21.29 -2.88
N PRO B 104 -18.28 22.13 -3.77
CA PRO B 104 -17.60 23.34 -4.25
C PRO B 104 -17.77 24.50 -3.26
N ALA B 105 -17.22 25.66 -3.60
CA ALA B 105 -17.34 26.83 -2.74
C ALA B 105 -18.80 27.18 -2.47
N GLY B 106 -19.09 27.65 -1.27
CA GLY B 106 -20.44 28.01 -0.88
C GLY B 106 -21.22 26.84 -0.32
N TYR B 107 -20.62 25.65 -0.40
CA TYR B 107 -21.25 24.44 0.11
C TYR B 107 -20.31 23.65 1.01
N VAL B 108 -20.89 22.86 1.90
CA VAL B 108 -20.12 21.95 2.74
C VAL B 108 -20.90 20.66 2.95
N ILE B 109 -20.22 19.63 3.43
CA ILE B 109 -20.87 18.35 3.68
C ILE B 109 -21.01 18.12 5.19
N LEU B 110 -22.22 17.78 5.61
CA LEU B 110 -22.46 17.44 7.01
C LEU B 110 -22.31 15.94 7.20
N LYS B 111 -21.58 15.55 8.23
CA LYS B 111 -21.31 14.14 8.50
C LYS B 111 -21.82 13.71 9.87
N CYS B 112 -22.74 12.75 9.88
CA CYS B 112 -23.28 12.21 11.12
C CYS B 112 -22.29 11.22 11.74
N ASN B 113 -21.97 11.42 13.01
CA ASN B 113 -20.98 10.58 13.67
C ASN B 113 -21.56 9.69 14.77
N ASP B 114 -22.89 9.56 14.79
CA ASP B 114 -23.56 8.65 15.71
C ASP B 114 -23.21 7.21 15.36
N LYS B 115 -22.45 6.55 16.24
CA LYS B 115 -21.98 5.20 15.97
C LYS B 115 -23.10 4.18 15.78
N ASN B 116 -24.33 4.58 16.12
CA ASN B 116 -25.49 3.73 15.90
C ASN B 116 -26.54 4.41 15.02
N PHE B 117 -26.07 5.18 14.04
CA PHE B 117 -26.94 5.89 13.11
C PHE B 117 -27.43 4.96 12.01
N ASN B 118 -28.76 4.84 11.90
CA ASN B 118 -29.36 3.93 10.93
C ASN B 118 -29.55 4.52 9.54
N GLY B 119 -29.13 5.78 9.38
CA GLY B 119 -29.19 6.43 8.08
C GLY B 119 -30.41 7.31 7.89
N THR B 120 -31.36 7.22 8.81
CA THR B 120 -32.58 8.02 8.73
C THR B 120 -32.96 8.62 10.08
N GLY B 121 -33.23 9.93 10.08
CA GLY B 121 -33.63 10.61 11.29
C GLY B 121 -32.63 11.65 11.74
N PRO B 122 -32.74 12.10 12.99
CA PRO B 122 -31.86 13.13 13.58
C PRO B 122 -30.49 12.57 13.94
N CYS B 123 -29.53 13.47 14.18
CA CYS B 123 -28.18 13.08 14.54
C CYS B 123 -27.56 14.11 15.48
N LYS B 124 -27.05 13.64 16.62
CA LYS B 124 -26.49 14.53 17.63
C LYS B 124 -25.08 14.99 17.29
N ASN B 125 -24.20 14.04 17.01
CA ASN B 125 -22.80 14.34 16.70
C ASN B 125 -22.58 14.66 15.23
N VAL B 126 -22.65 15.94 14.89
CA VAL B 126 -22.50 16.37 13.51
C VAL B 126 -21.20 17.15 13.29
N SER B 127 -20.55 16.90 12.16
CA SER B 127 -19.34 17.63 11.80
C SER B 127 -19.41 18.09 10.35
N SER B 128 -18.52 19.00 9.98
CA SER B 128 -18.49 19.55 8.63
C SER B 128 -17.19 19.22 7.91
N VAL B 129 -17.30 18.64 6.73
CA VAL B 129 -16.12 18.28 5.94
C VAL B 129 -16.29 18.73 4.50
N GLN B 130 -15.18 18.80 3.77
CA GLN B 130 -15.21 19.18 2.37
C GLN B 130 -15.41 17.95 1.48
N CYS B 131 -14.88 16.81 1.90
CA CYS B 131 -14.96 15.58 1.13
C CYS B 131 -15.39 14.41 2.00
N THR B 132 -15.97 13.40 1.36
CA THR B 132 -16.30 12.15 2.04
C THR B 132 -15.04 11.30 2.12
N HIS B 133 -15.12 10.19 2.84
CA HIS B 133 -14.02 9.24 2.86
C HIS B 133 -13.86 8.63 1.46
N GLY B 134 -12.79 7.87 1.26
CA GLY B 134 -12.55 7.24 -0.02
C GLY B 134 -13.44 6.05 -0.27
N ILE B 135 -14.31 6.16 -1.27
CA ILE B 135 -15.28 5.11 -1.59
C ILE B 135 -14.93 4.38 -2.88
N LYS B 136 -14.69 3.08 -2.78
CA LYS B 136 -14.47 2.25 -3.96
C LYS B 136 -15.81 1.90 -4.63
N PRO B 137 -15.95 2.22 -5.92
CA PRO B 137 -17.18 1.97 -6.67
C PRO B 137 -17.33 0.50 -7.05
N VAL B 138 -17.45 -0.36 -6.05
CA VAL B 138 -17.57 -1.80 -6.28
C VAL B 138 -19.00 -2.18 -6.65
N VAL B 139 -19.17 -2.71 -7.85
CA VAL B 139 -20.49 -3.13 -8.32
C VAL B 139 -20.73 -4.61 -8.03
N SER B 140 -21.68 -4.89 -7.14
CA SER B 140 -22.02 -6.27 -6.80
C SER B 140 -23.48 -6.39 -6.34
N THR B 141 -23.92 -7.63 -6.18
CA THR B 141 -25.27 -7.90 -5.67
C THR B 141 -25.20 -8.79 -4.43
N GLN B 142 -26.28 -8.81 -3.66
CA GLN B 142 -26.37 -9.64 -2.46
C GLN B 142 -25.36 -9.22 -1.39
N LEU B 143 -24.07 -9.34 -1.71
CA LEU B 143 -23.01 -9.04 -0.75
C LEU B 143 -22.26 -7.75 -1.10
N LEU B 144 -22.08 -6.90 -0.10
CA LEU B 144 -21.32 -5.66 -0.29
C LEU B 144 -19.85 -5.91 0.02
N LEU B 145 -18.97 -5.54 -0.93
CA LEU B 145 -17.56 -5.89 -0.83
C LEU B 145 -16.64 -4.68 -0.67
N ASN B 146 -15.54 -4.88 0.05
CA ASN B 146 -14.53 -3.85 0.25
C ASN B 146 -15.12 -2.51 0.68
N GLY B 147 -16.17 -2.55 1.49
CA GLY B 147 -16.82 -1.34 1.96
C GLY B 147 -16.39 -0.95 3.36
N SER B 148 -17.14 -0.03 3.97
CA SER B 148 -16.87 0.39 5.34
C SER B 148 -17.70 -0.39 6.33
N LEU B 149 -17.15 -0.64 7.51
CA LEU B 149 -17.85 -1.38 8.56
C LEU B 149 -18.48 -0.44 9.59
N ALA B 150 -19.56 -0.89 10.21
CA ALA B 150 -20.16 -0.16 11.31
C ALA B 150 -19.20 -0.15 12.49
N GLU B 151 -19.09 0.99 13.18
CA GLU B 151 -18.10 1.15 14.22
C GLU B 151 -18.43 0.40 15.51
N GLU B 152 -19.71 0.17 15.76
CA GLU B 152 -20.11 -0.56 16.96
C GLU B 152 -20.95 -1.80 16.65
N GLU B 153 -22.25 -1.70 16.85
CA GLU B 153 -23.15 -2.83 16.62
C GLU B 153 -23.55 -2.93 15.15
N ILE B 154 -24.06 -4.09 14.75
CA ILE B 154 -24.56 -4.29 13.40
C ILE B 154 -25.77 -3.41 13.17
N ILE B 155 -25.80 -2.72 12.03
CA ILE B 155 -26.87 -1.77 11.73
C ILE B 155 -27.82 -2.28 10.65
N ILE B 156 -29.12 -2.12 10.89
CA ILE B 156 -30.13 -2.46 9.91
C ILE B 156 -30.70 -1.19 9.29
N ARG B 157 -30.50 -1.03 7.98
CA ARG B 157 -30.95 0.19 7.29
C ARG B 157 -32.09 -0.10 6.32
N SER B 158 -33.10 0.77 6.35
CA SER B 158 -34.25 0.63 5.47
C SER B 158 -35.11 1.90 5.51
N GLU B 159 -35.66 2.26 4.37
CA GLU B 159 -36.53 3.44 4.30
C GLU B 159 -37.85 3.17 5.01
N ASN B 160 -38.13 1.89 5.25
CA ASN B 160 -39.36 1.48 5.92
C ASN B 160 -39.38 -0.03 6.17
N LEU B 161 -38.85 -0.44 7.33
CA LEU B 161 -38.77 -1.85 7.67
C LEU B 161 -40.11 -2.58 7.50
N THR B 162 -41.19 -1.89 7.83
CA THR B 162 -42.53 -2.48 7.70
C THR B 162 -42.91 -2.66 6.23
N ASN B 163 -42.25 -1.90 5.35
CA ASN B 163 -42.51 -2.01 3.93
C ASN B 163 -41.61 -3.04 3.26
N ASN B 164 -42.12 -4.25 3.11
CA ASN B 164 -41.34 -5.35 2.54
C ASN B 164 -40.91 -5.10 1.09
N ALA B 165 -41.36 -4.00 0.52
CA ALA B 165 -41.00 -3.63 -0.84
C ALA B 165 -39.69 -2.85 -0.86
N LYS B 166 -39.25 -2.42 0.32
CA LYS B 166 -38.02 -1.65 0.45
C LYS B 166 -36.84 -2.55 0.76
N THR B 167 -35.70 -2.27 0.14
CA THR B 167 -34.50 -3.06 0.35
C THR B 167 -33.93 -2.83 1.74
N ILE B 168 -33.35 -3.89 2.32
CA ILE B 168 -32.72 -3.79 3.62
C ILE B 168 -31.20 -3.86 3.49
N ILE B 169 -30.52 -2.85 4.02
CA ILE B 169 -29.06 -2.83 4.00
C ILE B 169 -28.50 -3.22 5.36
N VAL B 170 -27.80 -4.35 5.41
CA VAL B 170 -27.16 -4.81 6.63
C VAL B 170 -25.73 -4.30 6.69
N HIS B 171 -25.43 -3.48 7.69
CA HIS B 171 -24.09 -2.92 7.86
C HIS B 171 -23.33 -3.72 8.92
N LEU B 172 -22.45 -4.60 8.47
CA LEU B 172 -21.67 -5.43 9.39
C LEU B 172 -20.67 -4.61 10.19
N ASN B 173 -20.32 -5.10 11.37
CA ASN B 173 -19.31 -4.45 12.20
C ASN B 173 -18.05 -5.30 12.27
N LYS B 174 -18.04 -6.39 11.51
CA LYS B 174 -16.90 -7.29 11.45
C LYS B 174 -16.81 -7.91 10.06
N SER B 175 -15.69 -7.68 9.38
CA SER B 175 -15.51 -8.17 8.02
C SER B 175 -15.44 -9.69 7.96
N VAL B 176 -16.06 -10.27 6.94
CA VAL B 176 -15.94 -11.70 6.67
C VAL B 176 -15.31 -11.87 5.30
N GLU B 177 -14.11 -12.44 5.27
CA GLU B 177 -13.34 -12.56 4.05
C GLU B 177 -13.95 -13.57 3.09
N ILE B 178 -13.94 -13.24 1.80
CA ILE B 178 -14.41 -14.17 0.77
C ILE B 178 -13.35 -14.32 -0.32
N ASN B 179 -12.88 -15.53 -0.51
CA ASN B 179 -11.77 -15.81 -1.42
C ASN B 179 -12.23 -16.51 -2.69
N CYS B 180 -12.41 -15.73 -3.75
CA CYS B 180 -12.91 -16.26 -5.02
C CYS B 180 -11.79 -16.46 -6.03
N THR B 181 -11.74 -17.63 -6.65
CA THR B 181 -10.70 -17.91 -7.63
C THR B 181 -11.17 -18.76 -8.80
N ARG B 182 -10.61 -18.46 -9.97
CA ARG B 182 -10.74 -19.33 -11.13
C ARG B 182 -9.35 -19.88 -11.40
N PRO B 183 -9.11 -21.14 -10.98
CA PRO B 183 -7.77 -21.73 -11.03
C PRO B 183 -7.18 -21.71 -12.43
N SER B 184 -5.84 -21.73 -12.51
CA SER B 184 -5.16 -21.72 -13.80
C SER B 184 -5.45 -22.98 -14.59
N ASN B 185 -5.59 -24.10 -13.89
CA ASN B 185 -5.90 -25.37 -14.53
C ASN B 185 -7.02 -26.13 -13.83
N GLY B 192 -11.28 -28.77 -17.60
CA GLY B 192 -11.83 -28.43 -16.28
C GLY B 192 -12.82 -27.30 -16.36
N ASP B 193 -13.06 -26.79 -17.56
CA ASP B 193 -14.01 -25.70 -17.78
C ASP B 193 -13.42 -24.35 -17.35
N ILE B 194 -13.14 -23.50 -18.33
CA ILE B 194 -12.51 -22.21 -18.09
C ILE B 194 -13.44 -21.20 -17.43
N ARG B 195 -14.70 -21.56 -17.27
CA ARG B 195 -15.68 -20.65 -16.68
C ARG B 195 -16.06 -21.07 -15.27
N LYS B 196 -15.54 -22.22 -14.83
CA LYS B 196 -15.82 -22.72 -13.50
C LYS B 196 -14.92 -22.07 -12.46
N ALA B 197 -15.53 -21.50 -11.43
CA ALA B 197 -14.79 -20.89 -10.34
C ALA B 197 -15.45 -21.20 -9.00
N TYR B 198 -14.86 -20.70 -7.93
CA TYR B 198 -15.39 -20.95 -6.59
C TYR B 198 -14.98 -19.88 -5.60
N CYS B 199 -15.79 -19.70 -4.57
CA CYS B 199 -15.48 -18.76 -3.49
C CYS B 199 -15.39 -19.49 -2.15
N GLU B 200 -14.28 -19.27 -1.45
CA GLU B 200 -14.09 -19.89 -0.14
C GLU B 200 -14.34 -18.88 0.98
N ILE B 201 -15.08 -19.32 1.99
CA ILE B 201 -15.36 -18.49 3.15
C ILE B 201 -15.21 -19.31 4.43
N ASN B 202 -14.69 -18.68 5.48
CA ASN B 202 -14.57 -19.34 6.78
C ASN B 202 -15.93 -19.51 7.44
N GLY B 203 -16.46 -20.72 7.39
CA GLY B 203 -17.78 -21.01 7.92
C GLY B 203 -17.97 -20.58 9.36
N THR B 204 -16.95 -20.76 10.18
CA THR B 204 -17.03 -20.39 11.59
C THR B 204 -17.31 -18.91 11.76
N LYS B 205 -16.59 -18.08 10.99
CA LYS B 205 -16.74 -16.63 11.08
C LYS B 205 -18.04 -16.15 10.45
N TRP B 206 -18.40 -16.73 9.31
CA TRP B 206 -19.61 -16.35 8.61
C TRP B 206 -20.86 -16.69 9.41
N ASN B 207 -20.99 -17.95 9.80
CA ASN B 207 -22.15 -18.40 10.56
C ASN B 207 -22.34 -17.62 11.85
N LYS B 208 -21.23 -17.22 12.47
CA LYS B 208 -21.29 -16.41 13.68
C LYS B 208 -21.88 -15.04 13.38
N VAL B 209 -21.36 -14.40 12.34
CA VAL B 209 -21.85 -13.09 11.91
C VAL B 209 -23.32 -13.15 11.53
N LEU B 210 -23.67 -14.12 10.71
CA LEU B 210 -25.05 -14.29 10.27
C LEU B 210 -25.96 -14.53 11.48
N LYS B 211 -25.42 -15.20 12.49
CA LYS B 211 -26.14 -15.41 13.73
C LYS B 211 -26.45 -14.06 14.40
N GLN B 212 -25.43 -13.22 14.50
CA GLN B 212 -25.59 -11.89 15.08
C GLN B 212 -26.60 -11.07 14.28
N VAL B 213 -26.55 -11.20 12.96
CA VAL B 213 -27.49 -10.51 12.09
C VAL B 213 -28.93 -10.92 12.43
N THR B 214 -29.13 -12.21 12.67
CA THR B 214 -30.43 -12.73 13.07
C THR B 214 -30.88 -12.07 14.37
N GLU B 215 -29.98 -12.03 15.34
CA GLU B 215 -30.26 -11.38 16.62
C GLU B 215 -30.72 -9.94 16.42
N LYS B 216 -30.05 -9.22 15.52
CA LYS B 216 -30.34 -7.82 15.29
C LYS B 216 -31.72 -7.64 14.63
N LEU B 217 -32.06 -8.56 13.74
CA LEU B 217 -33.35 -8.51 13.05
C LEU B 217 -34.49 -8.81 14.01
N LYS B 218 -34.23 -9.69 14.97
CA LYS B 218 -35.23 -10.03 15.99
C LYS B 218 -35.63 -8.81 16.79
N GLU B 219 -34.68 -7.90 16.97
CA GLU B 219 -34.93 -6.67 17.72
C GLU B 219 -35.91 -5.77 16.98
N HIS B 220 -35.83 -5.77 15.65
CA HIS B 220 -36.70 -4.94 14.83
C HIS B 220 -38.00 -5.64 14.46
N PHE B 221 -38.17 -6.86 14.96
CA PHE B 221 -39.37 -7.63 14.64
C PHE B 221 -39.90 -8.43 15.83
N ASN B 222 -40.28 -7.71 16.89
CA ASN B 222 -40.92 -8.31 18.06
C ASN B 222 -40.47 -9.74 18.37
N ASN B 223 -39.16 -9.93 18.54
CA ASN B 223 -38.61 -11.23 18.90
C ASN B 223 -39.12 -12.36 18.02
N LYS B 224 -39.52 -12.02 16.80
CA LYS B 224 -40.04 -13.01 15.86
C LYS B 224 -38.91 -13.84 15.27
N THR B 225 -39.20 -15.09 14.91
CA THR B 225 -38.20 -15.99 14.36
C THR B 225 -37.75 -15.53 12.97
N ILE B 226 -36.45 -15.60 12.73
CA ILE B 226 -35.89 -15.15 11.46
C ILE B 226 -35.42 -16.33 10.61
N ILE B 227 -35.86 -16.35 9.34
CA ILE B 227 -35.50 -17.43 8.43
C ILE B 227 -34.79 -16.88 7.19
N PHE B 228 -33.80 -17.63 6.71
CA PHE B 228 -33.08 -17.25 5.50
C PHE B 228 -33.29 -18.25 4.38
N GLN B 229 -33.74 -17.75 3.23
CA GLN B 229 -33.96 -18.59 2.06
C GLN B 229 -33.27 -18.00 0.85
N PRO B 230 -32.93 -18.83 -0.13
CA PRO B 230 -32.31 -18.36 -1.38
C PRO B 230 -33.32 -17.61 -2.23
N PRO B 231 -32.85 -16.70 -3.09
CA PRO B 231 -33.70 -15.88 -3.96
C PRO B 231 -34.69 -16.74 -4.73
N SER B 232 -35.97 -16.39 -4.66
CA SER B 232 -37.02 -17.16 -5.33
C SER B 232 -36.88 -17.09 -6.85
N GLY B 233 -37.17 -15.92 -7.42
CA GLY B 233 -37.10 -15.72 -8.85
C GLY B 233 -36.32 -14.49 -9.24
N GLY B 234 -36.14 -14.31 -10.55
CA GLY B 234 -35.40 -13.16 -11.06
C GLY B 234 -34.21 -13.58 -11.90
N ASP B 235 -33.53 -12.61 -12.49
CA ASP B 235 -32.35 -12.88 -13.30
C ASP B 235 -31.18 -13.32 -12.43
N LEU B 236 -30.18 -13.94 -13.04
CA LEU B 236 -29.04 -14.48 -12.30
C LEU B 236 -28.31 -13.43 -11.49
N GLU B 237 -28.24 -12.21 -12.03
CA GLU B 237 -27.55 -11.12 -11.35
C GLU B 237 -28.12 -10.89 -9.96
N ILE B 238 -29.38 -11.29 -9.75
CA ILE B 238 -30.05 -11.09 -8.49
C ILE B 238 -30.06 -12.37 -7.64
N THR B 239 -30.40 -13.49 -8.28
CA THR B 239 -30.50 -14.77 -7.57
C THR B 239 -29.13 -15.26 -7.10
N MET B 240 -28.07 -14.69 -7.67
CA MET B 240 -26.71 -15.07 -7.29
C MET B 240 -25.89 -13.85 -6.88
N HIS B 241 -24.78 -14.10 -6.20
CA HIS B 241 -23.85 -13.04 -5.84
C HIS B 241 -22.99 -12.69 -7.05
N SER B 242 -23.32 -11.58 -7.70
CA SER B 242 -22.61 -11.16 -8.90
C SER B 242 -21.63 -10.04 -8.62
N PHE B 243 -20.49 -10.06 -9.30
CA PHE B 243 -19.46 -9.05 -9.13
C PHE B 243 -18.44 -9.17 -10.24
N ASN B 244 -17.58 -8.16 -10.36
CA ASN B 244 -16.54 -8.18 -11.38
C ASN B 244 -15.16 -8.38 -10.77
N CYS B 245 -14.45 -9.40 -11.25
CA CYS B 245 -13.12 -9.70 -10.75
C CYS B 245 -12.12 -9.71 -11.90
N ARG B 246 -11.18 -8.78 -11.88
CA ARG B 246 -10.16 -8.67 -12.92
C ARG B 246 -10.80 -8.46 -14.29
N GLY B 247 -11.94 -7.78 -14.31
CA GLY B 247 -12.64 -7.51 -15.56
C GLY B 247 -13.64 -8.59 -15.92
N GLU B 248 -13.57 -9.73 -15.24
CA GLU B 248 -14.46 -10.85 -15.50
C GLU B 248 -15.71 -10.78 -14.60
N PHE B 249 -16.84 -11.24 -15.13
CA PHE B 249 -18.09 -11.24 -14.37
C PHE B 249 -18.33 -12.58 -13.67
N PHE B 250 -18.25 -12.55 -12.35
CA PHE B 250 -18.45 -13.75 -11.54
C PHE B 250 -19.89 -13.86 -11.04
N TYR B 251 -20.46 -15.06 -11.15
CA TYR B 251 -21.79 -15.35 -10.62
C TYR B 251 -21.69 -16.51 -9.63
N CYS B 252 -21.90 -16.24 -8.35
CA CYS B 252 -21.72 -17.25 -7.33
C CYS B 252 -23.00 -17.63 -6.61
N ASN B 253 -23.24 -18.94 -6.50
CA ASN B 253 -24.39 -19.47 -5.78
C ASN B 253 -24.19 -19.33 -4.28
N THR B 254 -25.09 -18.63 -3.61
CA THR B 254 -24.96 -18.36 -2.19
C THR B 254 -25.94 -19.16 -1.33
N THR B 255 -26.48 -20.24 -1.91
CA THR B 255 -27.41 -21.08 -1.18
C THR B 255 -26.84 -21.55 0.16
N GLN B 256 -25.57 -21.92 0.14
CA GLN B 256 -24.90 -22.42 1.34
C GLN B 256 -24.70 -21.32 2.38
N LEU B 257 -24.94 -20.08 1.99
CA LEU B 257 -24.75 -18.95 2.89
C LEU B 257 -26.06 -18.53 3.56
N PHE B 258 -27.19 -18.88 2.94
CA PHE B 258 -28.49 -18.46 3.46
C PHE B 258 -29.51 -19.60 3.49
N ASN B 259 -29.69 -20.21 4.65
CA ASN B 259 -30.66 -21.28 4.85
C ASN B 259 -30.98 -21.56 6.32
N ASN B 260 -30.01 -21.29 7.19
CA ASN B 260 -30.15 -21.47 8.63
C ASN B 260 -30.03 -22.93 9.12
N THR B 261 -29.29 -23.77 8.39
CA THR B 261 -29.04 -25.13 8.84
C THR B 261 -27.77 -25.17 9.68
N CYS B 262 -27.01 -24.08 9.62
CA CYS B 262 -25.75 -23.97 10.36
C CYS B 262 -25.77 -22.79 11.32
N ILE B 263 -26.96 -22.45 11.82
CA ILE B 263 -27.10 -21.34 12.76
C ILE B 263 -27.80 -21.78 14.04
N ASN B 272 -18.99 -24.79 10.05
CA ASN B 272 -17.77 -24.87 10.85
C ASN B 272 -16.51 -24.76 9.99
N GLY B 273 -16.40 -25.62 9.00
CA GLY B 273 -15.23 -25.63 8.12
C GLY B 273 -15.31 -24.60 7.01
N THR B 274 -14.53 -24.80 5.96
CA THR B 274 -14.49 -23.88 4.83
C THR B 274 -15.68 -24.08 3.90
N ILE B 275 -16.42 -23.01 3.65
CA ILE B 275 -17.56 -23.04 2.74
C ILE B 275 -17.11 -22.74 1.32
N THR B 276 -17.27 -23.70 0.43
CA THR B 276 -16.91 -23.51 -0.97
C THR B 276 -18.14 -23.25 -1.83
N LEU B 277 -18.30 -22.01 -2.26
CA LEU B 277 -19.44 -21.63 -3.10
C LEU B 277 -19.12 -21.82 -4.58
N PRO B 278 -19.96 -22.58 -5.28
CA PRO B 278 -19.80 -22.77 -6.72
C PRO B 278 -20.06 -21.47 -7.48
N CYS B 279 -19.17 -21.12 -8.40
CA CYS B 279 -19.31 -19.90 -9.17
C CYS B 279 -19.04 -20.15 -10.65
N LYS B 280 -19.49 -19.23 -11.49
CA LYS B 280 -19.19 -19.29 -12.92
C LYS B 280 -18.93 -17.91 -13.50
N ILE B 281 -18.05 -17.84 -14.48
CA ILE B 281 -17.79 -16.59 -15.18
C ILE B 281 -18.68 -16.53 -16.43
N LYS B 282 -19.57 -15.55 -16.46
CA LYS B 282 -20.52 -15.42 -17.57
C LYS B 282 -20.09 -14.36 -18.57
N GLN B 283 -20.31 -14.66 -19.85
CA GLN B 283 -20.00 -13.72 -20.92
C GLN B 283 -21.22 -12.85 -21.24
N ILE B 284 -22.39 -13.44 -21.11
CA ILE B 284 -23.64 -12.73 -21.35
C ILE B 284 -24.23 -12.26 -20.02
N ILE B 285 -24.43 -10.96 -19.87
CA ILE B 285 -24.93 -10.41 -18.61
C ILE B 285 -26.02 -9.35 -18.83
N ASN B 286 -26.82 -9.14 -17.79
CA ASN B 286 -27.78 -8.05 -17.78
C ASN B 286 -27.14 -6.80 -17.18
N MET B 287 -27.14 -5.72 -17.95
CA MET B 287 -26.50 -4.48 -17.52
C MET B 287 -27.19 -3.88 -16.29
N TRP B 288 -26.39 -3.55 -15.27
CA TRP B 288 -26.93 -2.95 -14.07
C TRP B 288 -27.36 -1.50 -14.33
N GLN B 289 -26.94 -0.97 -15.48
CA GLN B 289 -27.39 0.34 -15.92
C GLN B 289 -28.85 0.25 -16.34
N GLY B 290 -29.32 -0.97 -16.59
CA GLY B 290 -30.70 -1.22 -16.96
C GLY B 290 -30.97 -0.99 -18.43
N THR B 291 -29.93 -0.63 -19.18
CA THR B 291 -30.07 -0.34 -20.59
C THR B 291 -30.47 -1.59 -21.40
N GLY B 292 -29.85 -2.72 -21.10
CA GLY B 292 -30.16 -3.96 -21.80
C GLY B 292 -29.25 -5.12 -21.45
N GLN B 293 -28.76 -5.80 -22.48
CA GLN B 293 -27.96 -7.01 -22.31
C GLN B 293 -26.64 -6.91 -23.05
N ALA B 294 -25.57 -7.42 -22.43
CA ALA B 294 -24.23 -7.34 -23.02
C ALA B 294 -23.51 -8.68 -22.98
N MET B 295 -22.65 -8.91 -23.96
CA MET B 295 -21.87 -10.14 -24.02
C MET B 295 -20.37 -9.84 -24.22
N TYR B 296 -19.54 -10.41 -23.36
CA TYR B 296 -18.10 -10.23 -23.45
C TYR B 296 -17.41 -11.50 -23.93
N ALA B 297 -16.10 -11.40 -24.15
CA ALA B 297 -15.32 -12.54 -24.62
C ALA B 297 -14.99 -13.49 -23.48
N PRO B 298 -14.55 -14.71 -23.82
CA PRO B 298 -14.15 -15.72 -22.82
C PRO B 298 -13.12 -15.19 -21.84
N PRO B 299 -13.05 -15.78 -20.64
CA PRO B 299 -12.17 -15.33 -19.56
C PRO B 299 -10.70 -15.33 -19.97
N ILE B 300 -9.92 -14.44 -19.37
CA ILE B 300 -8.48 -14.40 -19.62
C ILE B 300 -7.82 -15.70 -19.15
N ASP B 301 -6.56 -15.89 -19.52
CA ASP B 301 -5.83 -17.10 -19.13
C ASP B 301 -5.24 -16.98 -17.73
N GLY B 302 -4.86 -18.11 -17.16
CA GLY B 302 -4.17 -18.13 -15.87
C GLY B 302 -5.08 -18.01 -14.66
N LYS B 303 -4.47 -17.93 -13.49
CA LYS B 303 -5.20 -17.82 -12.24
C LYS B 303 -5.88 -16.47 -12.11
N ILE B 304 -7.16 -16.50 -11.74
CA ILE B 304 -7.92 -15.27 -11.50
C ILE B 304 -8.44 -15.30 -10.07
N ASN B 305 -7.98 -14.35 -9.26
CA ASN B 305 -8.30 -14.35 -7.84
C ASN B 305 -8.73 -13.00 -7.30
N CYS B 306 -9.80 -12.99 -6.52
CA CYS B 306 -10.25 -11.79 -5.83
C CYS B 306 -10.61 -12.11 -4.39
N VAL B 307 -9.85 -11.56 -3.46
CA VAL B 307 -10.16 -11.69 -2.04
C VAL B 307 -10.78 -10.40 -1.55
N SER B 308 -11.97 -10.49 -1.00
CA SER B 308 -12.71 -9.29 -0.60
C SER B 308 -13.23 -9.39 0.82
N ASN B 309 -13.45 -8.23 1.44
CA ASN B 309 -14.09 -8.18 2.74
C ASN B 309 -15.60 -7.99 2.57
N ILE B 310 -16.39 -8.95 3.07
CA ILE B 310 -17.83 -8.79 3.08
C ILE B 310 -18.20 -7.85 4.21
N THR B 311 -18.59 -6.63 3.85
CA THR B 311 -18.84 -5.59 4.85
C THR B 311 -20.32 -5.24 4.98
N GLY B 312 -21.13 -5.78 4.06
CA GLY B 312 -22.55 -5.53 4.09
C GLY B 312 -23.35 -6.60 3.37
N ILE B 313 -24.65 -6.64 3.64
CA ILE B 313 -25.54 -7.60 3.01
C ILE B 313 -26.81 -6.92 2.54
N LEU B 314 -27.28 -7.30 1.35
CA LEU B 314 -28.53 -6.76 0.82
C LEU B 314 -29.65 -7.79 0.96
N LEU B 315 -30.67 -7.45 1.73
CA LEU B 315 -31.76 -8.40 2.01
C LEU B 315 -33.11 -7.87 1.58
N THR B 316 -33.99 -8.79 1.20
CA THR B 316 -35.37 -8.47 0.89
C THR B 316 -36.29 -9.34 1.74
N ARG B 317 -37.19 -8.71 2.49
CA ARG B 317 -38.07 -9.44 3.39
C ARG B 317 -39.28 -10.01 2.66
N ASP B 318 -39.70 -11.20 3.08
CA ASP B 318 -40.90 -11.84 2.52
C ASP B 318 -42.16 -11.27 3.14
N GLY B 319 -43.05 -10.75 2.30
CA GLY B 319 -44.32 -10.25 2.76
C GLY B 319 -45.37 -11.34 2.78
N GLY B 320 -46.38 -11.18 3.63
CA GLY B 320 -47.46 -12.14 3.73
C GLY B 320 -47.67 -12.67 5.13
N ALA B 321 -46.68 -13.40 5.64
CA ALA B 321 -46.78 -14.00 6.96
C ALA B 321 -46.47 -12.98 8.07
N ASN B 322 -47.52 -12.42 8.66
CA ASN B 322 -47.37 -11.44 9.72
C ASN B 322 -47.59 -12.05 11.09
N ASN B 323 -48.48 -13.04 11.16
CA ASN B 323 -48.81 -13.69 12.41
C ASN B 323 -48.31 -15.14 12.47
N THR B 324 -47.34 -15.46 11.62
CA THR B 324 -46.80 -16.82 11.55
C THR B 324 -45.64 -17.00 12.50
N SER B 325 -45.16 -15.91 13.09
CA SER B 325 -44.01 -15.94 13.98
C SER B 325 -42.73 -16.22 13.21
N ASN B 326 -42.83 -16.20 11.88
CA ASN B 326 -41.68 -16.44 11.01
C ASN B 326 -41.48 -15.34 9.98
N GLU B 327 -40.26 -14.82 9.90
CA GLU B 327 -39.92 -13.80 8.90
C GLU B 327 -38.80 -14.28 7.99
N THR B 328 -39.13 -14.46 6.71
CA THR B 328 -38.17 -14.97 5.74
C THR B 328 -37.43 -13.83 5.04
N PHE B 329 -36.11 -13.87 5.09
CA PHE B 329 -35.28 -12.88 4.42
C PHE B 329 -34.43 -13.53 3.33
N ARG B 330 -34.32 -12.86 2.19
CA ARG B 330 -33.50 -13.36 1.09
C ARG B 330 -32.54 -12.28 0.60
N PRO B 331 -31.35 -12.70 0.14
CA PRO B 331 -30.36 -11.75 -0.39
C PRO B 331 -30.87 -11.06 -1.64
N GLY B 332 -30.93 -9.73 -1.60
CA GLY B 332 -31.45 -8.96 -2.72
C GLY B 332 -30.34 -8.30 -3.53
N GLY B 333 -30.70 -7.23 -4.23
CA GLY B 333 -29.76 -6.53 -5.08
C GLY B 333 -30.38 -6.15 -6.41
N GLY B 334 -29.57 -5.59 -7.30
CA GLY B 334 -30.06 -5.18 -8.61
C GLY B 334 -30.03 -3.68 -8.79
N ASN B 335 -30.36 -2.95 -7.72
CA ASN B 335 -30.30 -1.50 -7.72
C ASN B 335 -28.98 -1.02 -7.13
N ILE B 336 -28.03 -0.73 -8.01
CA ILE B 336 -26.67 -0.39 -7.59
C ILE B 336 -26.62 0.89 -6.76
N LYS B 337 -27.66 1.71 -6.85
CA LYS B 337 -27.74 2.93 -6.05
C LYS B 337 -27.65 2.58 -4.56
N ASP B 338 -28.26 1.45 -4.20
CA ASP B 338 -28.21 0.98 -2.81
C ASP B 338 -26.77 0.76 -2.34
N ASN B 339 -25.92 0.29 -3.25
CA ASN B 339 -24.51 0.12 -2.92
C ASN B 339 -23.88 1.43 -2.49
N TRP B 340 -24.13 2.49 -3.24
CA TRP B 340 -23.57 3.79 -2.93
C TRP B 340 -24.16 4.32 -1.62
N ARG B 341 -25.45 4.06 -1.41
CA ARG B 341 -26.13 4.50 -0.20
C ARG B 341 -25.49 3.90 1.05
N SER B 342 -25.01 2.66 0.95
CA SER B 342 -24.41 1.98 2.09
C SER B 342 -23.13 2.66 2.57
N GLU B 343 -22.63 3.61 1.77
CA GLU B 343 -21.41 4.33 2.12
C GLU B 343 -21.67 5.83 2.32
N LEU B 344 -22.70 6.34 1.68
CA LEU B 344 -23.02 7.76 1.73
C LEU B 344 -24.08 8.09 2.78
N TYR B 345 -24.56 7.07 3.47
CA TYR B 345 -25.66 7.22 4.42
C TYR B 345 -25.42 8.31 5.47
N LYS B 346 -24.14 8.58 5.78
CA LYS B 346 -23.82 9.52 6.85
C LYS B 346 -23.54 10.93 6.34
N TYR B 347 -23.74 11.16 5.04
CA TYR B 347 -23.44 12.47 4.46
C TYR B 347 -24.68 13.15 3.88
N LYS B 348 -24.62 14.48 3.80
CA LYS B 348 -25.63 15.26 3.10
C LYS B 348 -25.10 16.65 2.83
N VAL B 349 -25.48 17.21 1.68
CA VAL B 349 -24.98 18.52 1.29
C VAL B 349 -25.85 19.66 1.83
N VAL B 350 -25.20 20.73 2.27
CA VAL B 350 -25.91 21.92 2.74
C VAL B 350 -25.25 23.17 2.19
N GLN B 351 -26.07 24.16 1.84
CA GLN B 351 -25.55 25.41 1.29
C GLN B 351 -25.34 26.45 2.38
N ILE B 352 -24.19 27.12 2.34
CA ILE B 352 -23.88 28.18 3.30
C ILE B 352 -24.30 29.53 2.75
N GLU B 353 -24.34 30.53 3.63
CA GLU B 353 -24.69 31.89 3.22
C GLU B 353 -23.92 32.92 4.03
C1 NAG C . 5.43 10.94 -3.92
C2 NAG C . 4.88 9.66 -4.53
C3 NAG C . 4.47 9.88 -5.98
C4 NAG C . 3.57 11.09 -6.10
C5 NAG C . 4.16 12.30 -5.39
C6 NAG C . 3.17 13.46 -5.40
C7 NAG C . 5.57 7.44 -3.86
C8 NAG C . 6.64 6.39 -3.84
N2 NAG C . 5.86 8.59 -4.45
O3 NAG C . 3.79 8.73 -6.45
O4 NAG C . 3.38 11.41 -7.46
O5 NAG C . 4.50 11.99 -4.05
O6 NAG C . 3.65 14.49 -4.57
O7 NAG C . 4.47 7.21 -3.33
C1 NAG D . 6.10 22.01 7.18
C2 NAG D . 4.94 21.05 7.44
C3 NAG D . 4.41 21.22 8.85
C4 NAG D . 5.55 21.16 9.87
C5 NAG D . 6.66 22.13 9.48
C6 NAG D . 7.84 22.00 10.43
C7 NAG D . 3.67 22.44 5.89
C8 NAG D . 2.53 23.27 6.39
N2 NAG D . 3.86 21.27 6.49
O3 NAG D . 3.48 20.20 9.13
O4 NAG D . 5.06 21.50 11.15
O5 NAG D . 7.10 21.87 8.16
O6 NAG D . 8.34 20.68 10.39
O7 NAG D . 4.36 22.83 4.95
C1 NAG E . 26.66 0.78 13.17
C2 NAG E . 27.86 -0.10 12.76
C3 NAG E . 28.52 -0.73 13.97
C4 NAG E . 28.86 0.35 14.99
C5 NAG E . 27.60 1.13 15.33
C6 NAG E . 27.88 2.22 16.36
C7 NAG E . 27.97 -1.21 10.62
C8 NAG E . 27.43 -2.29 9.72
N2 NAG E . 27.43 -1.12 11.82
O3 NAG E . 29.70 -1.41 13.59
O4 NAG E . 29.39 -0.23 16.16
O5 NAG E . 27.05 1.71 14.16
O6 NAG E . 28.85 3.11 15.85
O7 NAG E . 28.87 -0.48 10.22
C1 NAG F . 5.61 3.25 -14.20
C2 NAG F . 5.47 4.10 -15.46
C3 NAG F . 4.41 3.56 -16.42
C4 NAG F . 4.59 2.06 -16.63
C5 NAG F . 4.69 1.36 -15.28
C6 NAG F . 4.90 -0.15 -15.46
C7 NAG F . 5.96 6.48 -15.45
C8 NAG F . 5.72 7.80 -14.78
N2 NAG F . 5.16 5.48 -15.10
O3 NAG F . 4.50 4.23 -17.65
O4 NAG F . 3.50 1.55 -17.34
O5 NAG F . 5.78 1.89 -14.54
O6 NAG F . 6.10 -0.38 -16.15
O7 NAG F . 6.86 6.35 -16.29
C1 NAG G . 5.90 4.83 12.51
C2 NAG G . 5.20 5.40 13.74
C3 NAG G . 3.80 4.83 13.90
C4 NAG G . 3.02 4.93 12.60
C5 NAG G . 3.84 4.41 11.42
C6 NAG G . 3.08 4.66 10.12
C7 NAG G . 6.70 6.09 15.52
C8 NAG G . 7.72 5.64 16.53
N2 NAG G . 5.99 5.13 14.92
O3 NAG G . 3.12 5.56 14.90
O4 NAG G . 1.84 4.17 12.71
O5 NAG G . 5.10 5.05 11.37
O6 NAG G . 3.87 4.26 9.02
O7 NAG G . 6.54 7.28 15.27
C1 NAG H . 25.13 -8.50 21.26
C2 NAG H . 25.00 -7.97 22.69
C3 NAG H . 25.97 -8.71 23.61
C4 NAG H . 25.83 -10.22 23.44
C5 NAG H . 25.82 -10.63 21.97
C6 NAG H . 25.51 -12.11 21.80
C7 NAG H . 24.29 -5.67 22.80
C8 NAG H . 24.66 -4.22 22.70
N2 NAG H . 25.28 -6.55 22.70
O3 NAG H . 25.69 -8.36 24.95
O4 NAG H . 26.89 -10.86 24.11
O5 NAG H . 24.86 -9.88 21.25
O6 NAG H . 26.61 -12.87 22.24
O7 NAG H . 23.11 -6.00 22.98
C1 NAG I . 12.05 -7.22 22.73
C2 NAG I . 12.82 -6.99 24.03
C3 NAG I . 12.01 -6.25 25.09
C4 NAG I . 11.27 -5.07 24.49
C5 NAG I . 10.49 -5.52 23.26
C6 NAG I . 9.74 -4.34 22.64
C7 NAG I . 14.56 -8.43 24.94
C8 NAG I . 15.02 -9.85 25.10
N2 NAG I . 13.29 -8.26 24.58
O3 NAG I . 12.87 -5.79 26.11
O4 NAG I . 10.38 -4.53 25.45
O5 NAG I . 11.39 -6.05 22.30
O6 NAG I . 9.02 -4.79 21.51
O7 NAG I . 15.32 -7.50 25.16
C1 NAG J . -8.04 0.34 2.37
C2 NAG J . -8.33 1.54 1.49
C3 NAG J . -8.93 2.70 2.28
C4 NAG J . -10.07 2.22 3.16
C5 NAG J . -9.64 1.00 3.98
C6 NAG J . -10.81 0.46 4.80
C7 NAG J . -6.83 1.63 -0.40
C8 NAG J . -5.57 2.23 -0.96
N2 NAG J . -7.11 1.98 0.85
O3 NAG J . -9.43 3.66 1.39
O4 NAG J . -10.42 3.25 4.04
O5 NAG J . -9.17 -0.02 3.13
O6 NAG J . -11.08 1.40 5.83
O7 NAG J . -7.52 0.86 -1.07
C1 NAG K . 18.45 -19.66 4.41
C2 NAG K . 18.82 -20.26 3.05
C3 NAG K . 17.74 -21.22 2.55
C4 NAG K . 17.39 -22.22 3.65
C5 NAG K . 17.03 -21.48 4.92
C6 NAG K . 16.67 -22.46 6.04
C7 NAG K . 20.14 -19.09 1.39
C8 NAG K . 20.26 -17.91 0.47
N2 NAG K . 19.01 -19.20 2.08
O3 NAG K . 18.21 -21.89 1.42
O4 NAG K . 16.30 -23.01 3.23
O5 NAG K . 18.12 -20.67 5.33
O6 NAG K . 17.81 -23.24 6.35
O7 NAG K . 21.06 -19.91 1.47
C1 NAG L . 21.17 3.64 16.66
C2 NAG L . 22.13 4.82 16.54
C3 NAG L . 21.96 5.73 17.74
C4 NAG L . 20.50 6.14 17.87
C5 NAG L . 19.56 4.94 17.81
C6 NAG L . 18.12 5.41 17.73
C7 NAG L . 24.20 4.57 15.31
C8 NAG L . 23.52 5.33 14.21
N2 NAG L . 23.50 4.35 16.41
O3 NAG L . 22.77 6.88 17.58
O4 NAG L . 20.32 6.81 19.10
O5 NAG L . 19.84 4.12 16.69
O6 NAG L . 17.25 4.29 17.63
O7 NAG L . 25.35 4.16 15.16
N1 EPE M . 37.07 15.27 -3.78
C2 EPE M . 36.77 14.68 -2.47
C3 EPE M . 35.29 14.89 -2.16
N4 EPE M . 34.39 14.61 -3.28
C5 EPE M . 34.87 14.88 -4.64
C6 EPE M . 36.34 14.53 -4.81
C7 EPE M . 32.98 14.73 -3.04
C8 EPE M . 32.13 14.01 -4.08
O8 EPE M . 32.30 14.60 -5.35
C9 EPE M . 38.51 15.30 -4.07
C10 EPE M . 39.33 15.33 -2.80
S EPE M . 41.08 15.63 -3.17
O1S EPE M . 41.68 16.49 -2.16
O2S EPE M . 41.79 14.36 -3.21
O3S EPE M . 41.19 16.29 -4.47
C01 0M4 N . 29.02 -5.86 0.45
C02 0M4 N . 27.78 -5.56 -0.11
C03 0M4 N . 27.51 -5.85 -1.45
C04 0M4 N . 28.49 -6.46 -2.24
C05 0M4 N . 29.74 -6.76 -1.66
C06 0M4 N . 29.99 -6.46 -0.33
CL1 0M4 N . 29.33 -5.49 2.08
F08 0M4 N . 26.85 -4.99 0.63
N09 0M4 N . 28.25 -6.77 -3.61
C10 0M4 N . 27.26 -6.20 -4.42
C11 0M4 N . 27.18 -6.64 -5.90
N12 0M4 N . 26.17 -6.05 -6.65
O13 0M4 N . 27.95 -7.47 -6.35
O14 0M4 N . 26.46 -5.36 -4.00
C15 0M4 N . 25.97 -6.36 -8.08
C16 0M4 N . 24.83 -7.36 -8.35
C17 0M4 N . 25.26 -8.79 -7.96
N18 0M4 N . 25.96 -9.29 -9.17
C19 0M4 N . 25.14 -8.83 -10.33
C20 0M4 N . 24.56 -7.48 -9.88
C21 0M4 N . 23.49 -6.94 -7.72
C22 0M4 N . 23.04 -7.42 -10.08
C23 0M4 N . 22.52 -6.64 -8.88
H1 0M4 N . 26.52 -5.59 -1.84
H2 0M4 N . 30.54 -7.23 -2.23
H3 0M4 N . 30.96 -6.68 0.13
H4 0M4 N . 28.87 -7.45 -4.04
H5 0M4 N . 25.56 -5.37 -6.23
H6 0M4 N . 25.74 -5.42 -8.63
H7 0M4 N . 26.91 -6.74 -8.53
H9 0M4 N . 24.39 -9.41 -7.66
H8 0M4 N . 25.95 -8.84 -7.10
H10 0M4 N . 26.09 -10.30 -9.16
H12 0M4 N . 24.35 -9.54 -10.63
H13 0M4 N . 25.78 -8.76 -11.24
H14 0M4 N . 25.04 -6.64 -10.43
H15 0M4 N . 23.08 -7.72 -7.06
H16 0M4 N . 23.57 -6.05 -7.06
H18 0M4 N . 22.76 -6.96 -11.04
H17 0M4 N . 22.59 -8.43 -10.12
H20 0M4 N . 21.48 -6.90 -8.63
H19 0M4 N . 22.49 -5.55 -9.10
C1 NAG O . -33.75 4.97 12.51
C2 NAG O . -34.91 4.01 12.25
C3 NAG O . -36.21 4.76 12.04
C4 NAG O . -36.43 5.79 13.14
C5 NAG O . -35.20 6.67 13.30
C6 NAG O . -35.38 7.65 14.45
C7 NAG O . -34.45 1.87 11.19
C8 NAG O . -34.25 1.13 9.90
N2 NAG O . -34.61 3.19 11.09
O3 NAG O . -37.29 3.86 12.02
O4 NAG O . -37.54 6.58 12.83
O5 NAG O . -34.05 5.88 13.54
O6 NAG O . -35.31 6.95 15.67
O7 NAG O . -34.47 1.28 12.27
C1 NAG P . -21.64 11.49 20.34
C2 NAG P . -21.86 10.01 20.65
C3 NAG P . -21.36 9.63 22.04
C4 NAG P . -19.96 10.18 22.27
C5 NAG P . -19.92 11.67 21.96
C6 NAG P . -18.52 12.23 22.16
C7 NAG P . -23.73 8.85 19.60
C8 NAG P . -25.22 8.75 19.46
N2 NAG P . -23.27 9.70 20.53
O3 NAG P . -21.34 8.22 22.15
O4 NAG P . -19.59 9.97 23.62
O5 NAG P . -20.31 11.89 20.62
O6 NAG P . -17.62 11.61 21.27
O7 NAG P . -22.99 8.19 18.89
C1 NAG Q . -11.47 -5.90 -2.85
C2 NAG Q . -11.53 -6.42 -4.28
C3 NAG Q . -10.39 -7.40 -4.53
C4 NAG Q . -9.05 -6.79 -4.14
C5 NAG Q . -9.12 -6.18 -2.75
C6 NAG Q . -7.82 -5.44 -2.41
C7 NAG Q . -13.57 -6.59 -5.58
C8 NAG Q . -14.78 -7.41 -5.91
N2 NAG Q . -12.81 -7.02 -4.57
O3 NAG Q . -10.37 -7.77 -5.89
O5 NAG Q . -10.21 -5.29 -2.62
O6 NAG Q . -7.51 -4.55 -3.45
O7 NAG Q . -13.31 -5.57 -6.22
C1 NAG R . -44.15 1.90 5.89
C2 NAG R . -45.12 3.04 5.61
C3 NAG R . -46.55 2.63 5.87
C4 NAG R . -46.87 1.31 5.19
C5 NAG R . -45.81 0.27 5.52
C6 NAG R . -46.08 -1.03 4.77
C7 NAG R . -44.46 5.36 5.87
C8 NAG R . -43.87 6.40 6.78
N2 NAG R . -44.79 4.20 6.41
O3 NAG R . -47.43 3.62 5.37
O4 NAG R . -48.13 0.85 5.64
O5 NAG R . -44.52 0.74 5.17
O6 NAG R . -46.18 -0.77 3.39
O7 NAG R . -44.63 5.61 4.67
C1 NAG S . -20.88 -6.32 16.32
C2 NAG S . -20.07 -6.34 17.61
C3 NAG S . -20.72 -7.21 18.67
C4 NAG S . -22.21 -6.87 18.81
C5 NAG S . -22.89 -6.85 17.45
C6 NAG S . -24.35 -6.44 17.58
C7 NAG S . -17.65 -6.06 17.42
C8 NAG S . -16.40 -6.58 16.77
N2 NAG S . -18.73 -6.84 17.34
O3 NAG S . -20.08 -7.02 19.91
O4 NAG S . -22.83 -7.83 19.63
O5 NAG S . -22.22 -5.96 16.58
O6 NAG S . -24.98 -6.52 16.31
O7 NAG S . -17.65 -4.96 17.98
C1 NAG T . -7.51 -17.90 -1.84
C2 NAG T . -6.21 -17.94 -1.04
C3 NAG T . -5.12 -18.67 -1.82
C4 NAG T . -5.64 -20.02 -2.31
C5 NAG T . -6.98 -19.88 -3.02
C6 NAG T . -7.55 -21.24 -3.40
C7 NAG T . -5.93 -16.09 0.49
C8 NAG T . -5.37 -14.71 0.72
N2 NAG T . -5.78 -16.59 -0.74
O3 NAG T . -4.00 -18.87 -0.98
O4 NAG T . -4.70 -20.59 -3.20
O5 NAG T . -7.90 -19.22 -2.17
O6 NAG T . -7.79 -21.99 -2.23
O7 NAG T . -6.50 -16.69 1.40
C1 NAG U . -11.91 -19.72 10.72
C2 NAG U . -10.44 -20.10 10.82
C3 NAG U . -9.98 -20.32 12.26
C4 NAG U . -10.48 -19.21 13.16
C5 NAG U . -11.99 -19.03 12.99
C6 NAG U . -12.50 -17.93 13.90
C7 NAG U . -9.22 -21.34 9.12
C8 NAG U . -9.27 -22.49 8.16
N2 NAG U . -10.18 -21.30 10.04
O3 NAG U . -8.58 -20.37 12.31
O4 NAG U . -10.20 -19.52 14.50
O5 NAG U . -12.27 -18.71 11.64
O6 NAG U . -13.91 -17.82 13.77
O7 NAG U . -8.34 -20.49 9.04
C1 NAG V . -38.14 -9.54 23.31
C2 NAG V . -38.56 -8.24 24.01
C3 NAG V . -37.42 -7.66 24.85
C4 NAG V . -36.77 -8.75 25.71
C5 NAG V . -36.41 -9.97 24.87
C6 NAG V . -35.80 -11.06 25.71
C7 NAG V . -40.31 -6.92 22.95
C8 NAG V . -41.28 -7.63 23.86
N2 NAG V . -39.03 -7.27 23.04
O3 NAG V . -37.95 -6.66 25.70
O4 NAG V . -35.61 -8.24 26.32
O5 NAG V . -37.58 -10.45 24.24
O6 NAG V . -35.50 -12.18 24.91
O7 NAG V . -40.72 -6.05 22.18
C1 NAG W . -27.57 -23.02 -5.68
C2 NAG W . -28.61 -23.05 -6.79
C3 NAG W . -29.76 -23.99 -6.46
C4 NAG W . -29.21 -25.34 -6.03
C5 NAG W . -28.17 -25.18 -4.93
C6 NAG W . -27.58 -26.52 -4.53
C7 NAG W . -28.95 -21.12 -8.21
C8 NAG W . -29.66 -19.82 -8.42
N2 NAG W . -29.12 -21.70 -7.03
O3 NAG W . -30.60 -24.14 -7.58
O4 NAG W . -30.28 -26.14 -5.55
O5 NAG W . -27.13 -24.33 -5.38
O6 NAG W . -27.03 -27.15 -5.67
O7 NAG W . -28.25 -21.60 -9.10
C1 NAG X . -10.18 -6.53 4.93
C2 NAG X . -9.72 -5.14 4.48
C3 NAG X . -8.53 -4.67 5.32
C4 NAG X . -8.83 -4.83 6.80
C5 NAG X . -9.33 -6.23 7.11
C6 NAG X . -9.71 -6.35 8.59
C7 NAG X . -10.03 -4.47 2.17
C8 NAG X . -11.11 -3.57 2.69
N2 NAG X . -9.36 -5.18 3.07
O3 NAG X . -8.28 -3.31 5.02
O4 NAG X . -7.65 -4.57 7.54
O5 NAG X . -10.45 -6.53 6.31
O6 NAG X . -10.75 -5.45 8.89
O7 NAG X . -9.79 -4.52 0.97
N1 EPE Y . -17.61 15.51 -13.08
C2 EPE Y . -16.65 14.58 -12.48
C3 EPE Y . -17.08 14.29 -11.04
N4 EPE Y . -18.52 14.08 -10.88
C5 EPE Y . -19.45 14.72 -11.79
C6 EPE Y . -18.90 14.83 -13.20
C7 EPE Y . -18.99 13.77 -9.55
C8 EPE Y . -20.48 13.46 -9.49
O8 EPE Y . -21.24 14.64 -9.72
C9 EPE Y . -17.16 16.06 -14.37
C10 EPE Y . -15.72 15.65 -14.68
S EPE Y . -15.13 16.49 -16.17
O1S EPE Y . -13.79 17.03 -15.95
O2S EPE Y . -15.10 15.55 -17.28
O3S EPE Y . -16.05 17.59 -16.48
C01 0M4 Z . -22.54 -6.95 -12.10
C02 0M4 Z . -23.56 -6.74 -11.17
C03 0M4 Z . -24.89 -6.58 -11.59
C04 0M4 Z . -25.19 -6.62 -12.97
C05 0M4 Z . -24.13 -6.83 -13.88
C06 0M4 Z . -22.84 -6.99 -13.45
CL1 0M4 Z . -20.94 -7.16 -11.56
F08 0M4 Z . -23.29 -6.71 -9.88
N09 0M4 Z . -26.52 -6.44 -13.44
C10 0M4 Z . -27.59 -5.93 -12.70
C11 0M4 Z . -28.96 -5.80 -13.42
N12 0M4 Z . -30.01 -5.30 -12.67
O13 0M4 Z . -29.08 -6.14 -14.59
O14 0M4 Z . -27.50 -5.59 -11.53
C15 0M4 Z . -31.37 -5.13 -13.23
C16 0M4 Z . -32.45 -5.96 -12.53
C17 0M4 Z . -32.07 -7.45 -12.51
N18 0M4 Z . -32.60 -7.98 -13.79
C19 0M4 Z . -33.93 -7.35 -13.97
C20 0M4 Z . -33.77 -5.93 -13.36
C21 0M4 Z . -32.83 -5.40 -11.15
C22 0M4 Z . -34.92 -5.59 -12.41
C23 0M4 Z . -34.25 -4.84 -11.26
H1 0M4 Z . -25.65 -6.41 -10.83
H2 0M4 Z . -24.31 -6.86 -14.97
H3 0M4 Z . -22.01 -7.16 -14.15
H4 0M4 Z . -26.69 -6.69 -14.41
H5 0M4 Z . -29.86 -5.04 -11.70
H6 0M4 Z . -31.65 -4.04 -13.17
H7 0M4 Z . -31.35 -5.36 -14.32
H9 0M4 Z . -32.47 -7.96 -11.60
H8 0M4 Z . -30.97 -7.64 -12.46
H10 0M4 Z . -32.65 -9.00 -13.80
H12 0M4 Z . -34.77 -7.91 -13.49
H13 0M4 Z . -34.20 -7.33 -15.05
H14 0M4 Z . -33.72 -5.18 -14.18
H15 0M4 Z . -32.78 -6.18 -10.37
H16 0M4 Z . -32.14 -4.62 -10.78
H18 0M4 Z . -35.71 -5.01 -12.91
H17 0M4 Z . -35.43 -6.49 -12.04
H20 0M4 Z . -34.82 -4.94 -10.32
H19 0M4 Z . -34.24 -3.75 -11.46
#